data_8TJ3
#
_entry.id   8TJ3
#
_cell.length_a   1.00
_cell.length_b   1.00
_cell.length_c   1.00
_cell.angle_alpha   90.00
_cell.angle_beta   90.00
_cell.angle_gamma   90.00
#
_symmetry.space_group_name_H-M   'P 1'
#
loop_
_entity.id
_entity.type
_entity.pdbx_description
1 polymer 'Peptidoglycan glycosyltransferase MrdB'
2 polymer 'Peptidoglycan D,D-transpeptidase MrdA'
#
loop_
_entity_poly.entity_id
_entity_poly.type
_entity_poly.pdbx_seq_one_letter_code
_entity_poly.pdbx_strand_id
1 'polypeptide(L)'
;MTDNPNKKTFWDKVHLDPTMLLILLALLVYSALVIWSASGQDIGMMERKIGQIAMGLVIMVVMAQIPPRVYEGWAPYLYI
ICIILLVAVDAFGAISKGAQRWLDLGIVRFQPSEIAKIAVPLMVARFINRDVCPPSLKNTGIALVLIFMPTLLVAAQPDL
GTSILVALSGLFVLFLSGLSWRLIGVAVVLVAAFIPILWFFLMHDYQRQRVMMLLDPESDPLGAGYHIIQSKIAIGSGGL
RGKGWLHGTQSQLEFLPERHTDFIFAVLAEELGLVGILILLALYILLIMRGLWIAARAQTTFGRVMAGGLMLILFVYVFV
NIGMVSGILPVVGVPLPLVSYGGSALIVLMAGFGIVMSIHTHRKMLSKSV
;
B
2 'polypeptide(L)'
;MKLQNSFRDYTAESALFVRRALVAFLGILLLTGVLIANLYNLQIVRFTDYQTRSNENRIKLVPIAPSRGIIYDRNGIPLA
LNRTIYQIEMMPEKVDNVQQTLDALRSVVDLTDDDIAAFRKERARSHRFTSIPVKTNLTEVQVARFAVNQYRFPGVEVKG
YKRRYYPYGSALTHVIGYVSKINDKDVERLNNDGKLANYAATHDIGKLGIERYYEDVLHGQTGYEEVEVNNRGRVIRQLK
EVPPQAGHDIYLTLDLKLQQYIETLLAGSRAAVVVTDPRTGGVLALVSTPSYDPNLFVDGISSKDYSALLNDPNTPLVNR
ATQGVYPPASTVKPYVAVSALSAGVITRNTTLFDPGWWQLPGSEKRYRDWKKWGHGRLNVTRSLEESADTFFYQVAYDMG
IDRLSEWMGKFGYGHYTGIDLAEERSGNMPTREWKQKRFKKPWYQGDTIPVGIGQGYWTATPIQMSKALMILINDGIVKV
PHLLMSTAEDGKQVPWVQPHEPPVGDIHSGYWELAKDGMYGVANRPNGTAHKYFASAPYKIAAKSGTAQVFGLKANETYN
AHKIAERLRDHKLMTAFAPYNNPQVAVAMILENGGAGPAVGTLMRQILDHIMLGDNNTDLPAENPAVAAAEDH
;
C
#
# COMPACT_ATOMS: atom_id res chain seq x y z
N THR A 9 -2.54 6.08 -59.04
CA THR A 9 -3.33 4.90 -58.72
C THR A 9 -2.44 3.73 -58.36
N PHE A 10 -1.30 4.02 -57.72
CA PHE A 10 -0.40 2.99 -57.23
C PHE A 10 -0.70 2.60 -55.78
N TRP A 11 -0.97 3.58 -54.92
CA TRP A 11 -1.21 3.28 -53.52
C TRP A 11 -2.45 2.42 -53.35
N ASP A 12 -3.47 2.72 -54.17
CA ASP A 12 -4.74 1.95 -54.17
C ASP A 12 -4.45 0.55 -54.68
N LYS A 13 -3.57 0.43 -55.66
CA LYS A 13 -3.15 -0.88 -56.14
C LYS A 13 -2.49 -1.69 -55.04
N VAL A 14 -1.64 -1.03 -54.24
CA VAL A 14 -1.08 -1.67 -53.06
C VAL A 14 -2.06 -1.73 -51.90
N HIS A 15 -3.15 -0.98 -51.98
CA HIS A 15 -4.15 -0.90 -50.91
C HIS A 15 -3.55 -0.29 -49.65
N LEU A 16 -3.01 0.92 -49.79
CA LEU A 16 -2.49 1.68 -48.67
C LEU A 16 -2.91 3.13 -48.82
N ASP A 17 -3.06 3.82 -47.69
CA ASP A 17 -3.46 5.21 -47.67
C ASP A 17 -2.23 6.09 -47.53
N PRO A 18 -1.89 6.93 -48.51
CA PRO A 18 -0.65 7.71 -48.37
C PRO A 18 -0.63 8.60 -47.15
N THR A 19 -1.75 9.25 -46.83
CA THR A 19 -1.74 10.23 -45.74
C THR A 19 -1.56 9.54 -44.38
N MET A 20 -2.35 8.50 -44.13
CA MET A 20 -2.20 7.78 -42.87
C MET A 20 -0.82 7.14 -42.77
N LEU A 21 -0.34 6.56 -43.86
CA LEU A 21 0.98 5.93 -43.81
C LEU A 21 2.06 6.96 -43.51
N LEU A 22 1.97 8.14 -44.11
CA LEU A 22 2.98 9.17 -43.87
C LEU A 22 2.93 9.67 -42.44
N ILE A 23 1.73 9.96 -41.93
CA ILE A 23 1.61 10.45 -40.56
C ILE A 23 2.10 9.38 -39.58
N LEU A 24 1.77 8.12 -39.85
CA LEU A 24 2.18 7.04 -38.97
C LEU A 24 3.68 6.82 -39.02
N LEU A 25 4.29 6.99 -40.19
CA LEU A 25 5.74 6.90 -40.29
C LEU A 25 6.41 8.02 -39.52
N ALA A 26 5.90 9.25 -39.62
CA ALA A 26 6.45 10.35 -38.86
C ALA A 26 6.32 10.09 -37.36
N LEU A 27 5.16 9.60 -36.93
CA LEU A 27 4.97 9.32 -35.51
C LEU A 27 5.86 8.17 -35.06
N LEU A 28 6.10 7.18 -35.93
CA LEU A 28 6.99 6.08 -35.57
C LEU A 28 8.44 6.57 -35.43
N VAL A 29 8.88 7.46 -36.32
CA VAL A 29 10.21 8.02 -36.19
C VAL A 29 10.34 8.80 -34.90
N TYR A 30 9.32 9.62 -34.59
CA TYR A 30 9.36 10.39 -33.35
C TYR A 30 9.39 9.47 -32.14
N SER A 31 8.63 8.37 -32.19
CA SER A 31 8.67 7.38 -31.12
C SER A 31 10.04 6.74 -31.01
N ALA A 32 10.67 6.45 -32.14
CA ALA A 32 12.01 5.86 -32.11
C ALA A 32 13.00 6.79 -31.41
N LEU A 33 12.97 8.06 -31.77
CA LEU A 33 13.87 9.02 -31.13
C LEU A 33 13.56 9.13 -29.63
N VAL A 34 12.27 9.17 -29.28
CA VAL A 34 11.90 9.29 -27.87
C VAL A 34 12.37 8.06 -27.09
N ILE A 35 12.28 6.87 -27.68
CA ILE A 35 12.74 5.67 -26.99
C ILE A 35 14.26 5.68 -26.85
N TRP A 36 14.97 6.13 -27.89
CA TRP A 36 16.41 6.31 -27.77
C TRP A 36 16.74 7.20 -26.57
N SER A 37 16.01 8.30 -26.43
CA SER A 37 16.20 9.17 -25.28
C SER A 37 15.87 8.44 -23.98
N ALA A 38 14.80 7.65 -23.98
CA ALA A 38 14.28 7.03 -22.77
C ALA A 38 14.87 5.65 -22.50
N SER A 39 15.71 5.14 -23.40
CA SER A 39 16.30 3.81 -23.22
C SER A 39 17.67 3.86 -22.54
N GLY A 40 18.13 5.04 -22.17
CA GLY A 40 19.48 5.17 -21.64
C GLY A 40 20.54 4.86 -22.68
N GLN A 41 20.28 5.22 -23.94
CA GLN A 41 21.20 4.91 -25.04
C GLN A 41 21.48 3.41 -25.11
N ASP A 42 20.48 2.61 -24.79
CA ASP A 42 20.61 1.16 -24.84
C ASP A 42 20.49 0.69 -26.29
N ILE A 43 21.53 0.04 -26.80
CA ILE A 43 21.51 -0.41 -28.19
C ILE A 43 20.53 -1.55 -28.38
N GLY A 44 20.51 -2.50 -27.44
CA GLY A 44 19.63 -3.64 -27.59
C GLY A 44 18.16 -3.28 -27.61
N MET A 45 17.75 -2.40 -26.70
CA MET A 45 16.35 -1.99 -26.67
C MET A 45 15.97 -1.24 -27.94
N MET A 46 16.87 -0.40 -28.45
CA MET A 46 16.58 0.29 -29.71
C MET A 46 16.47 -0.69 -30.87
N GLU A 47 17.34 -1.70 -30.91
CA GLU A 47 17.24 -2.71 -31.95
C GLU A 47 15.90 -3.42 -31.87
N ARG A 48 15.49 -3.79 -30.66
CA ARG A 48 14.20 -4.48 -30.51
C ARG A 48 13.04 -3.56 -30.90
N LYS A 49 13.12 -2.27 -30.57
CA LYS A 49 12.07 -1.35 -30.94
C LYS A 49 11.98 -1.19 -32.46
N ILE A 50 13.11 -1.11 -33.14
CA ILE A 50 13.09 -1.03 -34.60
C ILE A 50 12.49 -2.31 -35.18
N GLY A 51 12.83 -3.46 -34.59
CA GLY A 51 12.23 -4.71 -35.04
C GLY A 51 10.72 -4.71 -34.87
N GLN A 52 10.24 -4.21 -33.72
CA GLN A 52 8.81 -4.12 -33.49
C GLN A 52 8.15 -3.18 -34.50
N ILE A 53 8.80 -2.06 -34.80
CA ILE A 53 8.25 -1.13 -35.79
C ILE A 53 8.15 -1.80 -37.15
N ALA A 54 9.20 -2.54 -37.54
CA ALA A 54 9.17 -3.22 -38.83
C ALA A 54 8.06 -4.26 -38.88
N MET A 55 7.92 -5.04 -37.80
CA MET A 55 6.84 -6.03 -37.76
C MET A 55 5.49 -5.35 -37.85
N GLY A 56 5.32 -4.22 -37.17
CA GLY A 56 4.07 -3.49 -37.24
C GLY A 56 3.75 -3.00 -38.63
N LEU A 57 4.77 -2.46 -39.32
CA LEU A 57 4.56 -2.03 -40.70
C LEU A 57 4.16 -3.21 -41.58
N VAL A 58 4.83 -4.35 -41.41
CA VAL A 58 4.53 -5.51 -42.24
C VAL A 58 3.09 -5.98 -42.00
N ILE A 59 2.68 -6.06 -40.74
CA ILE A 59 1.34 -6.54 -40.43
C ILE A 59 0.29 -5.54 -40.90
N MET A 60 0.58 -4.25 -40.78
CA MET A 60 -0.32 -3.21 -41.29
C MET A 60 -0.53 -3.39 -42.79
N VAL A 61 0.57 -3.54 -43.54
CA VAL A 61 0.45 -3.68 -44.98
C VAL A 61 -0.31 -4.95 -45.34
N VAL A 62 -0.01 -6.05 -44.64
CA VAL A 62 -0.68 -7.32 -44.94
C VAL A 62 -2.18 -7.20 -44.68
N MET A 63 -2.56 -6.61 -43.55
CA MET A 63 -3.97 -6.45 -43.24
C MET A 63 -4.66 -5.47 -44.17
N ALA A 64 -3.91 -4.56 -44.79
CA ALA A 64 -4.51 -3.62 -45.71
C ALA A 64 -4.90 -4.26 -47.05
N GLN A 65 -4.49 -5.50 -47.29
CA GLN A 65 -4.79 -6.16 -48.56
C GLN A 65 -6.13 -6.91 -48.52
N ILE A 66 -6.37 -7.69 -47.47
CA ILE A 66 -7.57 -8.53 -47.46
C ILE A 66 -8.81 -7.65 -47.53
N PRO A 67 -9.78 -7.94 -48.39
CA PRO A 67 -10.86 -6.99 -48.64
C PRO A 67 -11.77 -6.85 -47.43
N PRO A 68 -12.46 -5.72 -47.28
CA PRO A 68 -13.39 -5.58 -46.15
C PRO A 68 -14.51 -6.58 -46.16
N ARG A 69 -14.97 -7.01 -47.34
CA ARG A 69 -16.00 -8.04 -47.38
C ARG A 69 -15.55 -9.31 -46.67
N VAL A 70 -14.26 -9.64 -46.79
CA VAL A 70 -13.73 -10.79 -46.06
C VAL A 70 -13.77 -10.53 -44.56
N TYR A 71 -13.46 -9.30 -44.15
CA TYR A 71 -13.56 -8.95 -42.73
C TYR A 71 -14.98 -9.16 -42.23
N GLU A 72 -15.97 -8.67 -42.95
CA GLU A 72 -17.38 -8.85 -42.54
C GLU A 72 -17.65 -10.35 -42.49
N GLY A 73 -17.29 -11.11 -43.53
CA GLY A 73 -17.63 -12.52 -43.55
C GLY A 73 -17.03 -13.29 -42.40
N TRP A 74 -15.79 -12.97 -42.03
CA TRP A 74 -15.08 -13.73 -41.00
C TRP A 74 -15.21 -13.14 -39.61
N ALA A 75 -15.84 -11.97 -39.46
CA ALA A 75 -16.02 -11.38 -38.14
C ALA A 75 -16.68 -12.35 -37.15
N PRO A 76 -17.74 -13.07 -37.51
CA PRO A 76 -18.29 -14.03 -36.54
C PRO A 76 -17.28 -15.05 -36.06
N TYR A 77 -16.47 -15.59 -36.97
CA TYR A 77 -15.50 -16.62 -36.59
C TYR A 77 -14.38 -16.02 -35.76
N LEU A 78 -13.87 -14.87 -36.15
CA LEU A 78 -12.83 -14.21 -35.37
C LEU A 78 -13.33 -13.88 -33.98
N TYR A 79 -14.55 -13.36 -33.87
CA TYR A 79 -15.12 -13.05 -32.57
C TYR A 79 -15.30 -14.30 -31.73
N ILE A 80 -15.75 -15.40 -32.34
CA ILE A 80 -15.97 -16.64 -31.60
C ILE A 80 -14.64 -17.16 -31.06
N ILE A 81 -13.61 -17.19 -31.90
CA ILE A 81 -12.32 -17.69 -31.42
C ILE A 81 -11.76 -16.77 -30.35
N CYS A 82 -11.95 -15.46 -30.51
CA CYS A 82 -11.45 -14.52 -29.51
C CYS A 82 -12.15 -14.74 -28.18
N ILE A 83 -13.46 -14.94 -28.19
CA ILE A 83 -14.18 -15.19 -26.95
C ILE A 83 -13.75 -16.51 -26.34
N ILE A 84 -13.54 -17.53 -27.17
CA ILE A 84 -13.12 -18.83 -26.65
C ILE A 84 -11.78 -18.70 -25.94
N LEU A 85 -10.83 -18.00 -26.57
CA LEU A 85 -9.50 -17.88 -25.99
C LEU A 85 -9.47 -16.91 -24.81
N LEU A 86 -10.37 -15.92 -24.77
CA LEU A 86 -10.51 -15.10 -23.56
C LEU A 86 -11.06 -15.94 -22.41
N VAL A 87 -12.02 -16.81 -22.70
CA VAL A 87 -12.51 -17.72 -21.66
C VAL A 87 -11.38 -18.63 -21.19
N ALA A 88 -10.54 -19.06 -22.12
CA ALA A 88 -9.39 -19.88 -21.75
C ALA A 88 -8.44 -19.13 -20.83
N VAL A 89 -8.01 -17.92 -21.24
CA VAL A 89 -7.02 -17.19 -20.46
C VAL A 89 -7.59 -16.85 -19.09
N ASP A 90 -8.87 -16.44 -19.03
CA ASP A 90 -9.50 -16.22 -17.74
C ASP A 90 -9.53 -17.52 -16.94
N ALA A 91 -9.67 -18.65 -17.61
CA ALA A 91 -9.47 -19.93 -16.96
C ALA A 91 -7.97 -20.18 -16.78
N PHE A 92 -7.63 -21.32 -16.21
CA PHE A 92 -6.24 -21.63 -15.88
C PHE A 92 -5.66 -20.56 -14.96
N GLY A 93 -6.48 -20.08 -14.03
CA GLY A 93 -6.06 -19.04 -13.11
C GLY A 93 -6.32 -17.65 -13.66
N ARG A 109 -2.17 -18.05 -23.28
CA ARG A 109 -0.78 -17.68 -23.05
C ARG A 109 -0.61 -16.16 -23.19
N PHE A 110 -0.25 -15.70 -24.38
CA PHE A 110 -0.11 -14.27 -24.61
C PHE A 110 -1.44 -13.57 -24.34
N GLN A 111 -1.38 -12.46 -23.60
CA GLN A 111 -2.57 -11.72 -23.22
C GLN A 111 -3.34 -11.33 -24.48
N PRO A 112 -4.47 -11.97 -24.77
CA PRO A 112 -5.16 -11.74 -26.05
C PRO A 112 -6.07 -10.53 -26.08
N SER A 113 -6.03 -9.64 -25.09
CA SER A 113 -6.94 -8.51 -25.08
C SER A 113 -6.81 -7.69 -26.36
N GLU A 114 -5.64 -7.70 -26.99
CA GLU A 114 -5.50 -7.04 -28.29
C GLU A 114 -6.43 -7.65 -29.31
N ILE A 115 -6.53 -8.99 -29.33
CA ILE A 115 -7.47 -9.65 -30.21
C ILE A 115 -8.88 -9.21 -29.89
N ALA A 116 -9.19 -9.04 -28.61
CA ALA A 116 -10.54 -8.63 -28.22
C ALA A 116 -10.85 -7.24 -28.74
N LYS A 117 -9.93 -6.30 -28.59
CA LYS A 117 -10.20 -4.92 -28.99
C LYS A 117 -10.04 -4.70 -30.49
N ILE A 118 -9.52 -5.68 -31.22
CA ILE A 118 -9.60 -5.63 -32.68
C ILE A 118 -10.77 -6.44 -33.22
N ALA A 119 -11.35 -7.34 -32.41
CA ALA A 119 -12.42 -8.22 -32.86
C ALA A 119 -13.82 -7.69 -32.54
N VAL A 120 -14.08 -7.29 -31.29
CA VAL A 120 -15.44 -6.88 -30.93
C VAL A 120 -15.94 -5.76 -31.82
N PRO A 121 -15.14 -4.76 -32.21
CA PRO A 121 -15.67 -3.80 -33.18
C PRO A 121 -16.06 -4.44 -34.49
N LEU A 122 -15.33 -5.47 -34.93
CA LEU A 122 -15.68 -6.15 -36.17
C LEU A 122 -17.04 -6.84 -36.05
N MET A 123 -17.24 -7.62 -34.99
CA MET A 123 -18.52 -8.29 -34.80
C MET A 123 -19.66 -7.30 -34.66
N VAL A 124 -19.42 -6.22 -33.92
CA VAL A 124 -20.47 -5.22 -33.72
C VAL A 124 -20.82 -4.55 -35.04
N ALA A 125 -19.81 -4.19 -35.83
CA ALA A 125 -20.07 -3.55 -37.12
C ALA A 125 -20.80 -4.50 -38.06
N ARG A 126 -20.43 -5.78 -38.07
CA ARG A 126 -21.16 -6.74 -38.89
C ARG A 126 -22.61 -6.83 -38.46
N PHE A 127 -22.85 -6.99 -37.16
CA PHE A 127 -24.22 -7.12 -36.68
C PHE A 127 -25.04 -5.88 -37.03
N ILE A 128 -24.45 -4.70 -36.88
CA ILE A 128 -25.14 -3.48 -37.27
C ILE A 128 -25.45 -3.49 -38.76
N ASN A 129 -24.48 -3.90 -39.57
CA ASN A 129 -24.66 -3.90 -41.02
C ASN A 129 -25.77 -4.83 -41.46
N ARG A 130 -26.07 -5.86 -40.68
CA ARG A 130 -27.09 -6.85 -41.02
C ARG A 130 -28.46 -6.51 -40.45
N ASP A 131 -28.73 -5.23 -40.24
CA ASP A 131 -29.99 -4.80 -39.60
C ASP A 131 -30.49 -3.55 -40.30
N VAL A 132 -31.54 -2.94 -39.77
CA VAL A 132 -32.10 -1.72 -40.34
C VAL A 132 -31.07 -0.59 -40.24
N CYS A 133 -31.30 0.48 -41.00
CA CYS A 133 -30.33 1.56 -41.09
C CYS A 133 -29.91 2.10 -39.73
N PRO A 134 -30.79 2.72 -38.95
CA PRO A 134 -30.43 3.00 -37.54
C PRO A 134 -30.82 1.84 -36.66
N PRO A 135 -30.07 1.56 -35.60
CA PRO A 135 -30.38 0.40 -34.77
C PRO A 135 -31.76 0.53 -34.13
N SER A 136 -32.40 -0.62 -33.91
CA SER A 136 -33.73 -0.66 -33.33
C SER A 136 -33.65 -0.62 -31.82
N LEU A 137 -34.42 0.29 -31.22
CA LEU A 137 -34.39 0.48 -29.77
C LEU A 137 -34.79 -0.80 -29.04
N LYS A 138 -33.91 -1.27 -28.16
CA LYS A 138 -34.14 -2.46 -27.35
C LYS A 138 -34.57 -3.67 -28.19
N ASN A 139 -34.22 -3.67 -29.47
CA ASN A 139 -34.35 -4.83 -30.33
C ASN A 139 -33.04 -5.22 -30.97
N THR A 140 -32.24 -4.19 -31.30
CA THR A 140 -30.90 -4.41 -31.87
C THR A 140 -29.88 -3.95 -30.85
N GLY A 141 -29.98 -2.75 -30.30
CA GLY A 141 -29.02 -2.25 -29.33
C GLY A 141 -28.84 -3.21 -28.17
N ILE A 142 -29.92 -3.85 -27.73
CA ILE A 142 -29.80 -4.86 -26.68
C ILE A 142 -28.92 -6.01 -27.16
N ALA A 143 -29.11 -6.44 -28.41
CA ALA A 143 -28.29 -7.52 -28.94
C ALA A 143 -26.82 -7.12 -28.98
N LEU A 144 -26.53 -5.88 -29.40
CA LEU A 144 -25.14 -5.44 -29.44
C LEU A 144 -24.54 -5.41 -28.05
N VAL A 145 -25.25 -4.81 -27.09
CA VAL A 145 -24.73 -4.75 -25.73
C VAL A 145 -24.54 -6.14 -25.15
N LEU A 146 -25.41 -7.08 -25.53
CA LEU A 146 -25.25 -8.45 -25.06
C LEU A 146 -24.02 -9.10 -25.70
N ILE A 147 -23.71 -8.77 -26.95
CA ILE A 147 -22.43 -9.18 -27.52
C ILE A 147 -21.29 -8.60 -26.71
N PHE A 148 -21.46 -7.37 -26.24
CA PHE A 148 -20.39 -6.66 -25.56
C PHE A 148 -20.08 -7.30 -24.21
N MET A 149 -21.12 -7.52 -23.40
CA MET A 149 -20.93 -7.89 -22.01
C MET A 149 -20.03 -9.11 -21.80
N PRO A 150 -20.17 -10.21 -22.54
CA PRO A 150 -19.21 -11.31 -22.33
C PRO A 150 -17.78 -10.89 -22.58
N THR A 151 -17.55 -10.08 -23.62
CA THR A 151 -16.20 -9.62 -23.91
C THR A 151 -15.66 -8.75 -22.77
N LEU A 152 -16.48 -7.80 -22.31
CA LEU A 152 -16.03 -6.92 -21.24
C LEU A 152 -15.78 -7.69 -19.95
N LEU A 153 -16.66 -8.62 -19.62
CA LEU A 153 -16.46 -9.43 -18.43
C LEU A 153 -15.17 -10.23 -18.52
N VAL A 154 -14.93 -10.87 -19.65
CA VAL A 154 -13.75 -11.72 -19.77
C VAL A 154 -12.48 -10.88 -19.75
N ALA A 155 -12.50 -9.70 -20.39
CA ALA A 155 -11.33 -8.84 -20.45
C ALA A 155 -11.18 -7.96 -19.22
N ALA A 156 -12.16 -7.97 -18.32
CA ALA A 156 -12.07 -7.23 -17.07
C ALA A 156 -11.79 -8.13 -15.87
N GLN A 157 -12.10 -9.41 -15.97
CA GLN A 157 -11.84 -10.31 -14.84
C GLN A 157 -10.39 -10.28 -14.39
N PRO A 158 -9.39 -10.40 -15.27
CA PRO A 158 -8.00 -10.30 -14.81
C PRO A 158 -7.61 -8.87 -14.45
N ASP A 159 -7.94 -7.92 -15.30
CA ASP A 159 -7.56 -6.53 -15.08
C ASP A 159 -8.58 -5.62 -15.73
N LEU A 160 -8.72 -4.41 -15.18
CA LEU A 160 -9.74 -3.47 -15.62
C LEU A 160 -9.26 -2.53 -16.71
N GLY A 161 -7.95 -2.29 -16.82
CA GLY A 161 -7.44 -1.33 -17.78
C GLY A 161 -7.89 -1.59 -19.20
N THR A 162 -7.47 -2.72 -19.78
CA THR A 162 -7.83 -3.04 -21.15
C THR A 162 -9.33 -3.23 -21.34
N SER A 163 -10.06 -3.55 -20.27
CA SER A 163 -11.50 -3.73 -20.40
C SER A 163 -12.19 -2.45 -20.83
N ILE A 164 -11.77 -1.31 -20.26
CA ILE A 164 -12.37 -0.04 -20.64
C ILE A 164 -12.16 0.23 -22.12
N LEU A 165 -10.94 -0.03 -22.61
CA LEU A 165 -10.68 0.15 -24.03
C LEU A 165 -11.55 -0.78 -24.87
N VAL A 166 -11.64 -2.05 -24.47
CA VAL A 166 -12.43 -3.00 -25.25
C VAL A 166 -13.87 -2.54 -25.35
N ALA A 167 -14.44 -2.06 -24.24
CA ALA A 167 -15.81 -1.55 -24.28
C ALA A 167 -15.90 -0.33 -25.16
N LEU A 168 -15.19 0.74 -24.81
CA LEU A 168 -15.35 2.01 -25.51
C LEU A 168 -15.13 1.85 -27.01
N SER A 169 -14.23 0.97 -27.42
CA SER A 169 -13.94 0.82 -28.85
C SER A 169 -15.20 0.56 -29.65
N GLY A 170 -16.02 -0.38 -29.20
CA GLY A 170 -17.23 -0.73 -29.92
C GLY A 170 -18.46 0.05 -29.47
N LEU A 171 -18.42 0.60 -28.26
CA LEU A 171 -19.44 1.57 -27.89
C LEU A 171 -19.41 2.75 -28.85
N PHE A 172 -18.23 3.10 -29.35
CA PHE A 172 -18.13 4.09 -30.41
C PHE A 172 -18.81 3.61 -31.69
N VAL A 173 -18.67 2.33 -32.02
CA VAL A 173 -19.34 1.80 -33.20
C VAL A 173 -20.86 1.93 -33.05
N LEU A 174 -21.37 1.55 -31.87
CA LEU A 174 -22.80 1.68 -31.62
C LEU A 174 -23.24 3.13 -31.69
N PHE A 175 -22.46 4.03 -31.10
CA PHE A 175 -22.81 5.44 -31.11
C PHE A 175 -22.84 5.99 -32.53
N LEU A 176 -21.89 5.57 -33.37
CA LEU A 176 -21.85 6.03 -34.75
C LEU A 176 -22.91 5.38 -35.62
N SER A 177 -23.39 4.20 -35.24
CA SER A 177 -24.40 3.51 -36.02
C SER A 177 -25.74 4.22 -36.00
N GLY A 178 -25.97 5.08 -35.01
CA GLY A 178 -27.22 5.80 -34.91
C GLY A 178 -28.03 5.43 -33.68
N LEU A 179 -27.35 4.95 -32.63
CA LEU A 179 -28.02 4.60 -31.39
C LEU A 179 -28.86 5.77 -30.92
N SER A 180 -30.13 5.51 -30.60
CA SER A 180 -31.09 6.58 -30.34
C SER A 180 -30.62 7.46 -29.19
N TRP A 181 -30.69 8.77 -29.40
CA TRP A 181 -30.35 9.71 -28.34
C TRP A 181 -31.25 9.53 -27.13
N ARG A 182 -32.47 9.04 -27.33
CA ARG A 182 -33.37 8.82 -26.21
C ARG A 182 -32.78 7.80 -25.24
N LEU A 183 -32.24 6.69 -25.77
CA LEU A 183 -31.63 5.69 -24.93
C LEU A 183 -30.40 6.25 -24.22
N ILE A 184 -29.58 7.00 -24.93
CA ILE A 184 -28.38 7.57 -24.33
C ILE A 184 -28.75 8.50 -23.17
N GLY A 185 -29.73 9.38 -23.40
CA GLY A 185 -30.16 10.28 -22.34
C GLY A 185 -30.77 9.55 -21.16
N VAL A 186 -31.58 8.53 -21.43
CA VAL A 186 -32.18 7.75 -20.35
C VAL A 186 -31.09 7.10 -19.52
N ALA A 187 -30.11 6.49 -20.18
CA ALA A 187 -29.02 5.85 -19.45
C ALA A 187 -28.23 6.86 -18.63
N VAL A 188 -27.95 8.03 -19.21
CA VAL A 188 -27.20 9.04 -18.49
C VAL A 188 -27.97 9.50 -17.25
N VAL A 189 -29.27 9.74 -17.41
CA VAL A 189 -30.07 10.17 -16.26
C VAL A 189 -30.11 9.09 -15.19
N LEU A 190 -30.28 7.83 -15.61
CA LEU A 190 -30.34 6.75 -14.63
C LEU A 190 -29.02 6.61 -13.87
N VAL A 191 -27.89 6.70 -14.57
CA VAL A 191 -26.61 6.57 -13.88
C VAL A 191 -26.36 7.77 -12.98
N ALA A 192 -26.72 8.96 -13.43
CA ALA A 192 -26.54 10.16 -12.61
C ALA A 192 -27.47 10.17 -11.41
N ALA A 193 -28.59 9.45 -11.46
CA ALA A 193 -29.46 9.30 -10.31
C ALA A 193 -29.00 8.18 -9.39
N PHE A 194 -28.36 7.15 -9.94
CA PHE A 194 -27.85 6.05 -9.14
C PHE A 194 -26.57 6.41 -8.41
N ILE A 195 -25.75 7.29 -8.98
CA ILE A 195 -24.48 7.68 -8.36
C ILE A 195 -24.73 8.32 -7.00
N PRO A 196 -25.59 9.32 -6.89
CA PRO A 196 -25.89 9.87 -5.56
C PRO A 196 -26.41 8.82 -4.59
N ILE A 197 -27.23 7.89 -5.06
CA ILE A 197 -27.66 6.79 -4.20
C ILE A 197 -26.46 5.96 -3.77
N LEU A 198 -25.55 5.68 -4.71
CA LEU A 198 -24.27 5.09 -4.35
C LEU A 198 -23.46 6.01 -3.43
N TRP A 199 -23.67 7.32 -3.54
CA TRP A 199 -22.94 8.30 -2.74
C TRP A 199 -23.57 8.54 -1.38
N PHE A 200 -24.78 8.04 -1.13
CA PHE A 200 -25.43 8.18 0.16
C PHE A 200 -25.65 6.84 0.85
N PHE A 201 -26.36 5.91 0.20
CA PHE A 201 -26.65 4.63 0.85
C PHE A 201 -25.45 3.70 0.83
N LEU A 202 -24.69 3.71 -0.26
CA LEU A 202 -23.50 2.87 -0.40
C LEU A 202 -22.23 3.67 -0.19
N MET A 203 -22.26 4.64 0.74
CA MET A 203 -21.07 5.49 1.03
C MET A 203 -20.35 4.93 2.26
N HIS A 204 -20.60 3.67 2.63
CA HIS A 204 -19.90 3.04 3.74
C HIS A 204 -18.42 3.41 3.71
N ASP A 205 -17.87 3.66 4.89
CA ASP A 205 -16.70 4.53 5.01
C ASP A 205 -15.55 4.05 4.12
N TYR A 206 -15.14 2.78 4.24
CA TYR A 206 -13.92 2.38 3.58
C TYR A 206 -14.11 2.15 2.08
N GLN A 207 -15.30 1.72 1.65
CA GLN A 207 -15.57 1.70 0.21
C GLN A 207 -15.41 3.10 -0.39
N ARG A 208 -16.04 4.10 0.22
CA ARG A 208 -15.95 5.44 -0.34
C ARG A 208 -14.53 5.99 -0.26
N GLN A 209 -13.82 5.67 0.81
CA GLN A 209 -12.42 6.11 0.90
C GLN A 209 -11.58 5.49 -0.20
N ARG A 210 -11.77 4.20 -0.47
CA ARG A 210 -11.04 3.56 -1.56
C ARG A 210 -11.40 4.18 -2.90
N VAL A 211 -12.68 4.49 -3.10
CA VAL A 211 -13.09 5.14 -4.35
C VAL A 211 -12.40 6.48 -4.49
N MET A 212 -12.33 7.25 -3.41
CA MET A 212 -11.63 8.53 -3.46
C MET A 212 -10.16 8.35 -3.77
N MET A 213 -9.52 7.37 -3.14
CA MET A 213 -8.10 7.11 -3.40
C MET A 213 -7.88 6.79 -4.87
N LEU A 214 -8.67 5.88 -5.43
CA LEU A 214 -8.52 5.53 -6.83
C LEU A 214 -8.78 6.73 -7.73
N LEU A 215 -9.85 7.49 -7.45
CA LEU A 215 -10.19 8.63 -8.28
C LEU A 215 -9.12 9.71 -8.22
N ASP A 216 -8.51 9.90 -7.04
CA ASP A 216 -7.51 10.94 -6.85
C ASP A 216 -6.12 10.31 -6.89
N PRO A 217 -5.44 10.29 -8.05
CA PRO A 217 -4.11 9.66 -8.11
C PRO A 217 -3.07 10.42 -7.32
N GLU A 218 -2.96 11.73 -7.56
CA GLU A 218 -1.93 12.51 -6.88
C GLU A 218 -2.07 12.43 -5.37
N SER A 219 -3.28 12.20 -4.88
CA SER A 219 -3.46 11.97 -3.45
C SER A 219 -2.78 10.66 -3.04
N ASP A 220 -2.58 10.52 -1.74
CA ASP A 220 -1.83 9.38 -1.20
C ASP A 220 -0.46 9.30 -1.87
N PRO A 221 0.39 10.31 -1.74
CA PRO A 221 1.76 10.19 -2.24
C PRO A 221 2.48 9.04 -1.56
N LEU A 222 3.68 8.75 -2.07
CA LEU A 222 4.56 7.70 -1.55
C LEU A 222 4.03 6.31 -1.83
N GLY A 223 2.89 6.19 -2.51
CA GLY A 223 2.33 4.89 -2.88
C GLY A 223 1.90 4.87 -4.32
N ALA A 224 0.63 4.55 -4.56
CA ALA A 224 0.12 4.56 -5.93
C ALA A 224 0.38 5.91 -6.59
N GLY A 225 0.23 6.99 -5.85
CA GLY A 225 0.48 8.32 -6.38
C GLY A 225 1.93 8.72 -6.42
N TYR A 226 2.83 7.90 -5.89
CA TYR A 226 4.24 8.26 -5.86
C TYR A 226 4.77 8.49 -7.27
N HIS A 227 4.57 7.53 -8.16
CA HIS A 227 5.09 7.66 -9.51
C HIS A 227 4.36 8.75 -10.28
N ILE A 228 3.07 8.96 -10.02
CA ILE A 228 2.37 10.04 -10.68
C ILE A 228 2.91 11.39 -10.23
N ILE A 229 3.26 11.52 -8.95
CA ILE A 229 3.81 12.78 -8.48
C ILE A 229 5.21 12.99 -9.04
N GLN A 230 6.01 11.93 -9.13
CA GLN A 230 7.31 12.03 -9.78
C GLN A 230 7.15 12.43 -11.24
N SER A 231 6.14 11.88 -11.91
CA SER A 231 5.88 12.26 -13.30
C SER A 231 5.46 13.72 -13.40
N LYS A 232 4.67 14.20 -12.44
CA LYS A 232 4.28 15.60 -12.45
C LYS A 232 5.49 16.50 -12.24
N ILE A 233 6.39 16.12 -11.33
CA ILE A 233 7.62 16.88 -11.14
C ILE A 233 8.45 16.87 -12.41
N ALA A 234 8.51 15.72 -13.08
CA ALA A 234 9.24 15.63 -14.34
C ALA A 234 8.65 16.58 -15.38
N ILE A 235 7.34 16.52 -15.56
CA ILE A 235 6.69 17.35 -16.57
C ILE A 235 6.84 18.83 -16.25
N GLY A 236 6.76 19.18 -14.97
CA GLY A 236 6.99 20.56 -14.59
C GLY A 236 8.42 20.99 -14.87
N SER A 237 9.38 20.11 -14.58
CA SER A 237 10.78 20.41 -14.82
C SER A 237 11.09 20.28 -16.31
N GLY A 238 11.61 21.35 -16.89
CA GLY A 238 11.98 21.32 -18.30
C GLY A 238 10.80 20.98 -19.18
N GLY A 239 9.59 21.30 -18.72
CA GLY A 239 8.40 21.10 -19.51
C GLY A 239 7.85 22.33 -20.16
N LEU A 240 8.51 23.48 -19.97
CA LEU A 240 7.96 24.73 -20.45
C LEU A 240 7.85 24.72 -21.98
N ARG A 241 7.20 25.76 -22.50
CA ARG A 241 7.11 25.97 -23.93
C ARG A 241 8.47 26.27 -24.52
N GLY A 242 9.45 26.57 -23.65
CA GLY A 242 10.82 26.77 -24.06
C GLY A 242 11.56 25.50 -24.42
N LYS A 243 10.85 24.39 -24.56
CA LYS A 243 11.33 23.08 -24.95
C LYS A 243 12.06 22.36 -23.82
N GLY A 244 12.33 23.02 -22.69
CA GLY A 244 13.16 22.41 -21.67
C GLY A 244 14.47 21.90 -22.24
N TRP A 245 15.19 21.09 -21.47
CA TRP A 245 16.37 20.43 -22.02
C TRP A 245 15.95 19.43 -23.07
N LEU A 246 16.75 19.32 -24.14
CA LEU A 246 16.33 18.65 -25.36
C LEU A 246 17.13 17.37 -25.58
N HIS A 247 16.43 16.23 -25.61
CA HIS A 247 16.98 14.99 -26.14
C HIS A 247 18.26 14.59 -25.42
N GLY A 248 18.86 13.47 -25.82
CA GLY A 248 20.15 13.06 -25.31
C GLY A 248 20.12 12.50 -23.91
N THR A 249 18.93 12.24 -23.36
CA THR A 249 18.79 11.80 -21.97
C THR A 249 19.39 12.83 -21.02
N GLN A 250 19.50 14.08 -21.47
CA GLN A 250 19.92 15.16 -20.58
C GLN A 250 18.77 15.50 -19.66
N SER A 251 18.44 14.58 -18.75
CA SER A 251 17.24 14.69 -17.96
C SER A 251 17.41 13.90 -16.68
N GLN A 252 16.37 13.92 -15.86
CA GLN A 252 16.33 13.20 -14.58
C GLN A 252 15.00 12.44 -14.57
N LEU A 253 15.01 11.23 -15.13
CA LEU A 253 13.78 10.47 -15.32
C LEU A 253 13.92 9.00 -14.92
N GLU A 254 14.97 8.62 -14.22
CA GLU A 254 15.03 7.31 -13.62
C GLU A 254 14.43 7.30 -12.21
N PHE A 255 13.96 8.45 -11.73
CA PHE A 255 13.19 8.50 -10.50
C PHE A 255 11.91 7.69 -10.64
N LEU A 256 11.31 7.72 -11.82
CA LEU A 256 10.13 6.93 -12.12
C LEU A 256 10.53 5.74 -12.98
N PRO A 257 10.46 4.50 -12.48
CA PRO A 257 10.87 3.35 -13.30
C PRO A 257 9.95 3.17 -14.50
N GLU A 258 10.20 2.12 -15.28
CA GLU A 258 9.47 1.87 -16.52
C GLU A 258 9.25 3.18 -17.26
N ARG A 259 10.29 4.01 -17.33
CA ARG A 259 10.22 5.27 -18.04
C ARG A 259 10.09 5.09 -19.55
N HIS A 260 10.26 3.87 -20.05
CA HIS A 260 10.24 3.61 -21.49
C HIS A 260 8.98 2.93 -21.98
N THR A 261 8.07 2.52 -21.08
CA THR A 261 6.85 1.81 -21.48
C THR A 261 5.59 2.63 -21.22
N ASP A 262 5.35 3.02 -19.97
CA ASP A 262 4.12 3.72 -19.61
C ASP A 262 4.33 5.22 -19.46
N PHE A 263 5.34 5.64 -18.72
CA PHE A 263 5.65 7.04 -18.54
C PHE A 263 6.58 7.58 -19.62
N ILE A 264 6.64 6.90 -20.76
CA ILE A 264 7.37 7.44 -21.90
C ILE A 264 6.88 8.84 -22.21
N PHE A 265 5.61 9.14 -21.89
CA PHE A 265 5.15 10.52 -22.02
C PHE A 265 5.82 11.42 -20.99
N ALA A 266 6.08 10.91 -19.79
CA ALA A 266 6.83 11.70 -18.82
C ALA A 266 8.22 12.02 -19.36
N VAL A 267 8.88 11.03 -19.95
CA VAL A 267 10.20 11.26 -20.54
C VAL A 267 10.10 12.28 -21.67
N LEU A 268 9.10 12.12 -22.53
CA LEU A 268 8.89 13.05 -23.64
C LEU A 268 8.73 14.46 -23.12
N ALA A 269 7.87 14.65 -22.12
CA ALA A 269 7.64 15.98 -21.58
C ALA A 269 8.93 16.56 -21.02
N GLU A 270 9.60 15.82 -20.13
CA GLU A 270 10.76 16.37 -19.45
C GLU A 270 11.91 16.65 -20.42
N GLU A 271 11.98 15.91 -21.53
CA GLU A 271 13.07 16.07 -22.47
C GLU A 271 12.72 16.89 -23.70
N LEU A 272 11.47 17.31 -23.87
CA LEU A 272 11.08 18.07 -25.05
C LEU A 272 10.26 19.31 -24.75
N GLY A 273 9.93 19.60 -23.49
CA GLY A 273 9.11 20.75 -23.20
C GLY A 273 7.65 20.50 -23.56
N LEU A 274 6.88 21.60 -23.55
CA LEU A 274 5.49 21.52 -23.97
C LEU A 274 5.36 21.35 -25.47
N VAL A 275 6.37 21.77 -26.22
CA VAL A 275 6.28 21.71 -27.68
C VAL A 275 6.26 20.25 -28.15
N GLY A 276 7.06 19.40 -27.51
CA GLY A 276 7.03 17.99 -27.89
C GLY A 276 5.67 17.37 -27.66
N ILE A 277 5.05 17.66 -26.51
CA ILE A 277 3.72 17.14 -26.23
C ILE A 277 2.72 17.65 -27.26
N LEU A 278 2.79 18.95 -27.57
CA LEU A 278 1.86 19.51 -28.53
C LEU A 278 2.03 18.87 -29.90
N ILE A 279 3.26 18.63 -30.31
CA ILE A 279 3.51 18.00 -31.62
C ILE A 279 2.97 16.57 -31.62
N LEU A 280 3.22 15.81 -30.56
CA LEU A 280 2.72 14.44 -30.49
C LEU A 280 1.20 14.42 -30.55
N LEU A 281 0.55 15.29 -29.79
CA LEU A 281 -0.90 15.34 -29.80
C LEU A 281 -1.43 15.79 -31.15
N ALA A 282 -0.75 16.72 -31.80
CA ALA A 282 -1.16 17.14 -33.13
C ALA A 282 -1.09 15.98 -34.11
N LEU A 283 -0.03 15.17 -34.04
CA LEU A 283 0.06 14.01 -34.91
C LEU A 283 -1.06 13.02 -34.63
N TYR A 284 -1.35 12.77 -33.34
CA TYR A 284 -2.42 11.82 -32.94
C TYR A 284 -3.77 12.33 -33.43
N ILE A 285 -4.06 13.64 -33.34
CA ILE A 285 -5.33 14.19 -33.80
C ILE A 285 -5.41 14.18 -35.31
N LEU A 286 -4.29 14.42 -35.99
CA LEU A 286 -4.28 14.35 -37.45
C LEU A 286 -4.61 12.93 -37.92
N LEU A 287 -4.03 11.93 -37.26
CA LEU A 287 -4.34 10.55 -37.61
C LEU A 287 -5.83 10.28 -37.39
N ILE A 288 -6.38 10.76 -36.28
CA ILE A 288 -7.80 10.54 -36.00
C ILE A 288 -8.65 11.21 -37.07
N MET A 289 -8.32 12.45 -37.44
CA MET A 289 -9.12 13.15 -38.43
C MET A 289 -9.09 12.44 -39.77
N ARG A 290 -7.90 11.99 -40.21
CA ARG A 290 -7.84 11.29 -41.48
C ARG A 290 -8.62 9.99 -41.44
N GLY A 291 -8.51 9.25 -40.33
CA GLY A 291 -9.25 8.00 -40.22
C GLY A 291 -10.75 8.23 -40.28
N LEU A 292 -11.24 9.21 -39.54
CA LEU A 292 -12.68 9.50 -39.61
C LEU A 292 -13.09 10.01 -40.99
N TRP A 293 -12.23 10.81 -41.62
CA TRP A 293 -12.55 11.33 -42.94
C TRP A 293 -12.73 10.19 -43.94
N ILE A 294 -11.84 9.20 -43.89
CA ILE A 294 -11.99 8.07 -44.81
C ILE A 294 -13.07 7.10 -44.33
N ALA A 295 -13.46 7.15 -43.06
CA ALA A 295 -14.55 6.32 -42.58
C ALA A 295 -15.90 6.84 -43.06
N ALA A 296 -16.06 8.17 -43.09
CA ALA A 296 -17.30 8.76 -43.57
C ALA A 296 -17.52 8.50 -45.05
N ARG A 297 -16.48 8.13 -45.78
CA ARG A 297 -16.61 7.85 -47.21
C ARG A 297 -16.89 6.38 -47.50
N ALA A 298 -16.70 5.49 -46.53
CA ALA A 298 -16.91 4.07 -46.78
C ALA A 298 -18.33 3.83 -47.25
N GLN A 299 -18.47 2.90 -48.20
CA GLN A 299 -19.78 2.64 -48.79
C GLN A 299 -20.65 1.79 -47.87
N THR A 300 -20.22 0.58 -47.57
CA THR A 300 -20.99 -0.27 -46.68
C THR A 300 -20.88 0.22 -45.24
N THR A 301 -22.00 0.13 -44.52
CA THR A 301 -22.03 0.66 -43.15
C THR A 301 -21.02 -0.05 -42.26
N PHE A 302 -20.74 -1.32 -42.52
CA PHE A 302 -19.77 -2.04 -41.70
C PHE A 302 -18.44 -1.31 -41.68
N GLY A 303 -17.89 -1.00 -42.86
CA GLY A 303 -16.66 -0.24 -42.93
C GLY A 303 -16.83 1.22 -42.55
N ARG A 304 -18.05 1.74 -42.66
CA ARG A 304 -18.30 3.10 -42.22
C ARG A 304 -18.07 3.23 -40.71
N VAL A 305 -18.54 2.25 -39.95
CA VAL A 305 -18.47 2.35 -38.49
C VAL A 305 -17.21 1.72 -37.92
N MET A 306 -16.64 0.72 -38.60
CA MET A 306 -15.43 0.07 -38.08
C MET A 306 -14.29 1.07 -37.96
N ALA A 307 -14.04 1.86 -39.01
CA ALA A 307 -12.95 2.82 -38.98
C ALA A 307 -13.18 3.87 -37.91
N GLY A 308 -14.41 4.36 -37.79
CA GLY A 308 -14.70 5.31 -36.73
C GLY A 308 -14.40 4.74 -35.35
N GLY A 309 -14.82 3.49 -35.12
CA GLY A 309 -14.52 2.86 -33.84
C GLY A 309 -13.03 2.75 -33.59
N LEU A 310 -12.27 2.36 -34.60
CA LEU A 310 -10.83 2.22 -34.43
C LEU A 310 -10.18 3.56 -34.09
N MET A 311 -10.53 4.61 -34.81
CA MET A 311 -9.93 5.92 -34.54
C MET A 311 -10.31 6.43 -33.16
N LEU A 312 -11.58 6.27 -32.79
CA LEU A 312 -12.00 6.77 -31.49
C LEU A 312 -11.33 6.00 -30.35
N ILE A 313 -11.15 4.69 -30.51
CA ILE A 313 -10.44 3.95 -29.47
C ILE A 313 -8.97 4.37 -29.42
N LEU A 314 -8.37 4.70 -30.56
CA LEU A 314 -7.01 5.23 -30.54
C LEU A 314 -6.95 6.51 -29.71
N PHE A 315 -7.92 7.41 -29.91
CA PHE A 315 -7.91 8.62 -29.10
C PHE A 315 -8.13 8.30 -27.63
N VAL A 316 -8.95 7.29 -27.33
CA VAL A 316 -9.11 6.89 -25.94
C VAL A 316 -7.76 6.48 -25.36
N TYR A 317 -6.99 5.71 -26.10
CA TYR A 317 -5.63 5.37 -25.66
C TYR A 317 -4.84 6.63 -25.32
N VAL A 318 -4.82 7.57 -26.28
CA VAL A 318 -3.99 8.77 -26.12
C VAL A 318 -4.41 9.52 -24.86
N PHE A 319 -5.71 9.79 -24.73
CA PHE A 319 -6.20 10.60 -23.63
C PHE A 319 -5.99 9.90 -22.30
N VAL A 320 -6.25 8.59 -22.24
CA VAL A 320 -6.11 7.87 -20.98
C VAL A 320 -4.68 7.93 -20.50
N ASN A 321 -3.73 7.72 -21.41
CA ASN A 321 -2.28 7.68 -21.05
C ASN A 321 -1.83 9.08 -20.65
N ILE A 322 -2.22 10.13 -21.38
CA ILE A 322 -1.77 11.47 -21.06
C ILE A 322 -2.37 11.93 -19.74
N GLY A 323 -3.62 11.55 -19.47
CA GLY A 323 -4.20 11.83 -18.17
C GLY A 323 -3.50 11.09 -17.04
N MET A 324 -3.20 9.81 -17.26
CA MET A 324 -2.32 9.06 -16.36
C MET A 324 -1.11 9.90 -15.97
N VAL A 325 -0.30 10.27 -16.96
CA VAL A 325 1.00 10.86 -16.66
C VAL A 325 0.84 12.26 -16.07
N SER A 326 -0.10 13.05 -16.60
CA SER A 326 -0.35 14.36 -16.04
C SER A 326 -1.03 14.29 -14.68
N GLY A 327 -1.53 13.11 -14.29
CA GLY A 327 -2.04 12.91 -12.94
C GLY A 327 -3.46 13.39 -12.72
N ILE A 328 -4.41 12.91 -13.53
CA ILE A 328 -5.82 13.20 -13.31
C ILE A 328 -6.67 11.94 -13.32
N LEU A 329 -6.52 11.08 -14.32
CA LEU A 329 -7.29 9.84 -14.33
C LEU A 329 -6.75 8.86 -13.29
N PRO A 330 -7.58 7.93 -12.83
CA PRO A 330 -7.10 6.91 -11.89
C PRO A 330 -5.95 6.11 -12.46
N VAL A 331 -5.40 5.23 -11.63
CA VAL A 331 -4.32 4.35 -12.06
C VAL A 331 -4.87 3.36 -13.08
N VAL A 332 -4.21 3.27 -14.23
CA VAL A 332 -4.63 2.35 -15.29
C VAL A 332 -3.48 2.11 -16.26
N GLY A 333 -3.28 0.87 -16.66
CA GLY A 333 -2.19 0.48 -17.54
C GLY A 333 -2.52 0.53 -19.02
N VAL A 334 -2.59 1.73 -19.59
CA VAL A 334 -2.88 1.90 -21.01
C VAL A 334 -1.66 2.49 -21.71
N PRO A 335 -0.81 1.69 -22.35
CA PRO A 335 0.38 2.25 -22.98
C PRO A 335 0.04 3.28 -24.05
N LEU A 336 0.90 4.28 -24.18
CA LEU A 336 0.70 5.30 -25.19
C LEU A 336 0.71 4.65 -26.57
N PRO A 337 -0.10 5.11 -27.51
CA PRO A 337 -0.20 4.41 -28.81
C PRO A 337 1.11 4.44 -29.56
N LEU A 338 1.65 3.25 -29.83
CA LEU A 338 2.75 3.05 -30.76
C LEU A 338 3.92 3.99 -30.51
N VAL A 339 3.98 4.59 -29.32
CA VAL A 339 5.17 5.28 -28.83
C VAL A 339 5.45 4.72 -27.45
N SER A 340 6.25 3.66 -27.40
CA SER A 340 6.55 2.98 -26.13
C SER A 340 7.44 1.79 -26.43
N TYR A 341 7.71 0.94 -25.46
CA TYR A 341 8.31 -0.37 -25.64
C TYR A 341 7.26 -1.43 -25.40
N GLY A 342 7.09 -2.33 -26.37
CA GLY A 342 6.05 -3.34 -26.31
C GLY A 342 5.48 -3.60 -27.69
N GLY A 343 5.38 -4.85 -28.08
CA GLY A 343 4.93 -5.19 -29.41
C GLY A 343 3.43 -5.29 -29.54
N SER A 344 2.77 -5.92 -28.56
CA SER A 344 1.36 -6.24 -28.69
C SER A 344 0.54 -5.00 -29.02
N ALA A 345 0.70 -3.94 -28.23
CA ALA A 345 -0.06 -2.72 -28.48
C ALA A 345 0.27 -2.13 -29.84
N LEU A 346 1.57 -2.09 -30.17
CA LEU A 346 1.96 -1.58 -31.47
C LEU A 346 1.32 -2.38 -32.60
N ILE A 347 1.43 -3.71 -32.54
CA ILE A 347 0.94 -4.52 -33.65
C ILE A 347 -0.57 -4.42 -33.76
N VAL A 348 -1.28 -4.33 -32.64
CA VAL A 348 -2.74 -4.26 -32.71
C VAL A 348 -3.18 -2.91 -33.29
N LEU A 349 -2.54 -1.81 -32.88
CA LEU A 349 -2.87 -0.53 -33.48
C LEU A 349 -2.55 -0.52 -34.96
N MET A 350 -1.42 -1.13 -35.34
CA MET A 350 -1.05 -1.20 -36.74
C MET A 350 -2.07 -2.01 -37.54
N ALA A 351 -2.56 -3.12 -36.95
CA ALA A 351 -3.58 -3.92 -37.60
C ALA A 351 -4.86 -3.13 -37.78
N GLY A 352 -5.24 -2.34 -36.77
CA GLY A 352 -6.40 -1.47 -36.94
C GLY A 352 -6.22 -0.50 -38.09
N PHE A 353 -5.03 0.11 -38.18
CA PHE A 353 -4.76 1.03 -39.27
C PHE A 353 -4.81 0.31 -40.61
N GLY A 354 -4.34 -0.93 -40.65
CA GLY A 354 -4.41 -1.70 -41.89
C GLY A 354 -5.85 -1.99 -42.30
N ILE A 355 -6.68 -2.36 -41.33
CA ILE A 355 -8.10 -2.55 -41.61
C ILE A 355 -8.69 -1.28 -42.18
N VAL A 356 -8.35 -0.14 -41.57
CA VAL A 356 -8.89 1.14 -42.02
C VAL A 356 -8.46 1.42 -43.45
N MET A 357 -7.20 1.18 -43.78
CA MET A 357 -6.73 1.47 -45.14
C MET A 357 -7.37 0.53 -46.15
N SER A 358 -7.55 -0.74 -45.78
CA SER A 358 -8.26 -1.66 -46.66
C SER A 358 -9.65 -1.14 -46.97
N ILE A 359 -10.36 -0.70 -45.92
CA ILE A 359 -11.70 -0.14 -46.12
C ILE A 359 -11.62 1.07 -47.02
N HIS A 360 -10.61 1.91 -46.83
CA HIS A 360 -10.50 3.14 -47.61
C HIS A 360 -10.25 2.86 -49.08
N THR A 361 -9.40 1.88 -49.38
CA THR A 361 -8.93 1.69 -50.75
C THR A 361 -9.77 0.72 -51.56
N HIS A 362 -10.34 -0.31 -50.94
CA HIS A 362 -11.09 -1.30 -51.70
C HIS A 362 -12.32 -0.68 -52.35
N ARG A 363 -13.02 0.20 -51.64
CA ARG A 363 -14.15 0.96 -52.16
C ARG A 363 -15.08 -0.02 -52.88
N LYS A 364 -15.54 0.28 -54.09
CA LYS A 364 -16.52 -0.56 -54.78
C LYS A 364 -15.99 -1.97 -54.98
N THR B 11 -27.19 8.69 -48.54
CA THR B 11 -28.36 8.08 -47.92
C THR B 11 -28.52 8.56 -46.48
N ALA B 12 -29.56 8.07 -45.81
CA ALA B 12 -29.78 8.47 -44.42
C ALA B 12 -28.63 8.01 -43.54
N GLU B 13 -28.14 6.80 -43.74
CA GLU B 13 -27.07 6.28 -42.91
C GLU B 13 -25.81 7.11 -43.02
N SER B 14 -25.47 7.58 -44.22
CA SER B 14 -24.28 8.41 -44.38
C SER B 14 -24.39 9.67 -43.53
N ALA B 15 -25.53 10.37 -43.61
CA ALA B 15 -25.70 11.58 -42.82
C ALA B 15 -25.67 11.28 -41.33
N LEU B 16 -26.33 10.19 -40.92
CA LEU B 16 -26.38 9.85 -39.51
C LEU B 16 -24.98 9.58 -38.97
N PHE B 17 -24.19 8.80 -39.71
CA PHE B 17 -22.82 8.53 -39.28
C PHE B 17 -21.99 9.79 -39.27
N VAL B 18 -22.16 10.66 -40.26
CA VAL B 18 -21.40 11.91 -40.26
C VAL B 18 -21.71 12.71 -39.01
N ARG B 19 -22.99 12.81 -38.64
CA ARG B 19 -23.37 13.58 -37.46
C ARG B 19 -22.80 12.96 -36.20
N ARG B 20 -23.03 11.68 -36.01
CA ARG B 20 -22.49 10.98 -34.84
C ARG B 20 -20.97 11.11 -34.80
N ALA B 21 -20.20 10.99 -35.89
CA ALA B 21 -18.76 11.14 -35.90
C ALA B 21 -18.35 12.56 -35.57
N LEU B 22 -19.11 13.55 -36.04
CA LEU B 22 -18.81 14.94 -35.69
C LEU B 22 -18.97 15.14 -34.19
N VAL B 23 -20.02 14.57 -33.59
CA VAL B 23 -20.21 14.70 -32.15
C VAL B 23 -19.05 14.07 -31.40
N ALA B 24 -18.64 12.88 -31.83
CA ALA B 24 -17.52 12.21 -31.16
C ALA B 24 -16.23 12.99 -31.34
N PHE B 25 -16.02 13.59 -32.51
CA PHE B 25 -14.84 14.39 -32.74
C PHE B 25 -14.81 15.61 -31.83
N LEU B 26 -15.97 16.27 -31.66
CA LEU B 26 -16.03 17.38 -30.73
C LEU B 26 -15.73 16.92 -29.30
N GLY B 27 -16.24 15.74 -28.93
CA GLY B 27 -15.95 15.23 -27.60
C GLY B 27 -14.47 15.00 -27.38
N ILE B 28 -13.80 14.39 -28.36
CA ILE B 28 -12.37 14.13 -28.20
C ILE B 28 -11.58 15.43 -28.25
N LEU B 29 -12.03 16.42 -29.02
CA LEU B 29 -11.38 17.72 -29.00
C LEU B 29 -11.49 18.36 -27.62
N LEU B 30 -12.66 18.26 -26.98
CA LEU B 30 -12.80 18.80 -25.64
C LEU B 30 -11.90 18.06 -24.66
N LEU B 31 -11.79 16.74 -24.79
CA LEU B 31 -10.89 16.00 -23.91
C LEU B 31 -9.43 16.41 -24.13
N THR B 32 -9.04 16.63 -25.39
CA THR B 32 -7.70 17.11 -25.67
C THR B 32 -7.47 18.48 -25.05
N GLY B 33 -8.47 19.35 -25.14
CA GLY B 33 -8.36 20.64 -24.46
C GLY B 33 -8.18 20.49 -22.97
N VAL B 34 -8.90 19.54 -22.37
CA VAL B 34 -8.74 19.27 -20.94
C VAL B 34 -7.30 18.87 -20.64
N LEU B 35 -6.75 17.96 -21.45
CA LEU B 35 -5.39 17.50 -21.20
C LEU B 35 -4.39 18.64 -21.35
N ILE B 36 -4.55 19.47 -22.39
CA ILE B 36 -3.61 20.55 -22.61
C ILE B 36 -3.72 21.59 -21.50
N ALA B 37 -4.93 21.84 -21.01
CA ALA B 37 -5.08 22.75 -19.88
C ALA B 37 -4.40 22.20 -18.64
N ASN B 38 -4.57 20.90 -18.38
CA ASN B 38 -3.84 20.25 -17.30
C ASN B 38 -2.35 20.50 -17.42
N LEU B 39 -1.79 20.22 -18.60
CA LEU B 39 -0.35 20.33 -18.77
C LEU B 39 0.12 21.78 -18.64
N TYR B 40 -0.65 22.71 -19.20
CA TYR B 40 -0.29 24.12 -19.06
C TYR B 40 -0.25 24.53 -17.60
N ASN B 41 -1.27 24.14 -16.83
CA ASN B 41 -1.26 24.45 -15.41
C ASN B 41 -0.13 23.72 -14.69
N LEU B 42 0.16 22.49 -15.10
CA LEU B 42 1.10 21.65 -14.36
C LEU B 42 2.55 22.09 -14.58
N GLN B 43 2.90 22.52 -15.79
CA GLN B 43 4.30 22.80 -16.13
C GLN B 43 4.57 24.21 -16.60
N ILE B 44 3.55 25.00 -16.93
CA ILE B 44 3.78 26.36 -17.40
C ILE B 44 3.49 27.36 -16.28
N VAL B 45 2.24 27.36 -15.79
CA VAL B 45 1.90 28.23 -14.67
C VAL B 45 2.67 27.81 -13.42
N ARG B 46 2.76 26.50 -13.18
CA ARG B 46 3.53 25.99 -12.05
C ARG B 46 5.00 25.86 -12.45
N PHE B 47 5.58 26.95 -12.97
CA PHE B 47 6.92 26.90 -13.52
C PHE B 47 7.98 26.61 -12.48
N THR B 48 7.75 26.95 -11.22
CA THR B 48 8.76 26.76 -10.18
C THR B 48 8.95 25.32 -9.82
N ASP B 49 8.36 24.39 -10.56
CA ASP B 49 8.51 22.99 -10.21
C ASP B 49 9.96 22.52 -10.37
N TYR B 50 10.75 23.21 -11.21
CA TYR B 50 12.18 22.94 -11.30
C TYR B 50 13.00 23.89 -10.44
N GLN B 51 12.93 25.19 -10.72
CA GLN B 51 13.70 26.20 -9.99
C GLN B 51 15.11 25.73 -9.73
N THR B 52 15.68 24.95 -10.65
CA THR B 52 16.96 24.29 -10.46
C THR B 52 18.00 24.96 -11.36
N ARG B 53 18.92 25.70 -10.73
CA ARG B 53 19.96 26.39 -11.49
C ARG B 53 21.02 25.44 -12.03
N SER B 54 21.43 24.44 -11.23
CA SER B 54 22.45 23.49 -11.62
C SER B 54 21.81 22.15 -11.89
N ASN B 55 22.09 21.57 -13.06
CA ASN B 55 21.44 20.33 -13.45
C ASN B 55 21.69 19.21 -12.45
N GLU B 56 22.83 19.23 -11.77
CA GLU B 56 23.17 18.14 -10.87
C GLU B 56 22.19 18.03 -9.72
N ASN B 57 21.47 19.09 -9.40
CA ASN B 57 20.49 19.03 -8.32
C ASN B 57 19.30 18.17 -8.75
N ARG B 58 18.63 17.55 -7.81
CA ARG B 58 17.43 16.78 -8.12
C ARG B 58 16.26 17.47 -7.45
N ILE B 59 15.08 16.93 -7.56
CA ILE B 59 13.86 17.41 -6.91
C ILE B 59 13.11 16.20 -6.37
N LYS B 60 13.87 15.18 -5.97
CA LYS B 60 13.27 13.94 -5.50
C LYS B 60 12.25 14.22 -4.41
N LEU B 61 11.12 13.53 -4.49
CA LEU B 61 10.05 13.65 -3.50
C LEU B 61 10.45 12.84 -2.27
N VAL B 62 11.04 13.52 -1.29
CA VAL B 62 11.56 12.86 -0.09
C VAL B 62 10.41 12.54 0.86
N PRO B 63 10.22 11.30 1.24
CA PRO B 63 9.27 11.01 2.32
C PRO B 63 9.75 11.58 3.64
N ILE B 64 8.81 11.95 4.49
CA ILE B 64 9.08 12.49 5.82
C ILE B 64 8.52 11.51 6.83
N ALA B 65 9.38 10.77 7.50
CA ALA B 65 8.93 9.85 8.53
C ALA B 65 8.33 10.65 9.68
N PRO B 66 7.17 10.25 10.21
CA PRO B 66 6.57 11.02 11.29
C PRO B 66 7.21 10.68 12.63
N SER B 67 7.20 11.67 13.52
CA SER B 67 7.74 11.44 14.86
C SER B 67 6.87 10.40 15.55
N ARG B 68 7.38 9.18 15.67
CA ARG B 68 6.58 8.09 16.23
C ARG B 68 6.13 8.45 17.64
N GLY B 69 4.88 8.13 17.95
CA GLY B 69 4.30 8.47 19.23
C GLY B 69 5.10 7.93 20.39
N ILE B 70 5.41 8.80 21.36
CA ILE B 70 6.15 8.39 22.54
C ILE B 70 5.19 7.71 23.50
N ILE B 71 5.53 6.49 23.89
CA ILE B 71 4.67 5.70 24.78
C ILE B 71 4.92 6.14 26.22
N TYR B 72 3.90 6.67 26.87
CA TYR B 72 3.99 7.05 28.28
C TYR B 72 3.39 5.96 29.15
N ASP B 73 3.22 6.24 30.44
CA ASP B 73 2.58 5.31 31.36
C ASP B 73 1.60 6.09 32.22
N ARG B 74 1.03 5.42 33.21
CA ARG B 74 0.03 6.04 34.08
C ARG B 74 0.60 7.30 34.74
N ASN B 75 1.79 7.17 35.33
CA ASN B 75 2.41 8.32 36.00
C ASN B 75 2.69 9.43 35.00
N GLY B 76 2.98 9.07 33.75
CA GLY B 76 3.24 10.04 32.69
C GLY B 76 4.68 10.12 32.23
N ILE B 77 5.61 9.41 32.86
CA ILE B 77 7.01 9.48 32.43
C ILE B 77 7.18 8.73 31.12
N PRO B 78 8.03 9.17 30.21
CA PRO B 78 8.21 8.44 28.95
C PRO B 78 8.74 7.04 29.19
N LEU B 79 8.34 6.11 28.31
CA LEU B 79 8.79 4.73 28.37
C LEU B 79 9.71 4.36 27.21
N ALA B 80 9.31 4.69 25.99
CA ALA B 80 10.13 4.46 24.80
C ALA B 80 10.29 5.78 24.07
N LEU B 81 11.54 6.19 23.85
CA LEU B 81 11.86 7.50 23.29
C LEU B 81 12.34 7.35 21.85
N ASN B 82 12.73 8.48 21.26
CA ASN B 82 13.23 8.52 19.89
C ASN B 82 14.41 9.47 19.84
N ARG B 83 15.62 8.92 19.76
CA ARG B 83 16.83 9.70 19.66
C ARG B 83 17.34 9.70 18.22
N THR B 84 18.28 10.60 17.95
CA THR B 84 18.87 10.73 16.61
C THR B 84 20.15 9.92 16.58
N ILE B 85 20.13 8.80 15.87
CA ILE B 85 21.30 7.96 15.66
C ILE B 85 21.84 8.25 14.27
N TYR B 86 23.15 8.42 14.16
CA TYR B 86 23.78 8.82 12.91
C TYR B 86 24.27 7.59 12.14
N GLN B 87 24.22 7.68 10.83
CA GLN B 87 24.61 6.61 9.93
C GLN B 87 25.47 7.17 8.81
N ILE B 88 26.26 6.30 8.19
CA ILE B 88 27.08 6.65 7.04
C ILE B 88 26.31 6.23 5.79
N GLU B 89 26.04 7.20 4.91
CA GLU B 89 25.24 7.00 3.72
C GLU B 89 26.01 7.42 2.47
N MET B 90 25.66 6.80 1.35
CA MET B 90 26.25 7.13 0.06
C MET B 90 25.35 6.60 -1.04
N MET B 91 25.53 7.15 -2.24
CA MET B 91 24.78 6.71 -3.41
C MET B 91 25.66 5.78 -4.24
N PRO B 92 25.29 4.51 -4.42
CA PRO B 92 26.17 3.60 -5.18
C PRO B 92 26.43 4.08 -6.60
N GLU B 93 25.49 4.79 -7.21
CA GLU B 93 25.60 5.20 -8.61
C GLU B 93 26.33 6.53 -8.78
N LYS B 94 26.80 7.14 -7.69
CA LYS B 94 27.53 8.40 -7.75
C LYS B 94 28.84 8.29 -6.98
N VAL B 95 29.50 7.15 -7.08
CA VAL B 95 30.78 6.91 -6.42
C VAL B 95 31.82 6.61 -7.51
N ASP B 96 32.94 7.33 -7.46
CA ASP B 96 33.97 7.14 -8.48
C ASP B 96 34.58 5.74 -8.40
N ASN B 97 34.96 5.32 -7.19
CA ASN B 97 35.56 4.00 -6.98
C ASN B 97 35.03 3.44 -5.67
N VAL B 98 34.30 2.32 -5.76
CA VAL B 98 33.70 1.75 -4.55
C VAL B 98 34.77 1.29 -3.58
N GLN B 99 35.80 0.59 -4.08
CA GLN B 99 36.79 -0.01 -3.20
C GLN B 99 37.63 1.06 -2.51
N GLN B 100 38.08 2.07 -3.27
CA GLN B 100 38.88 3.13 -2.67
C GLN B 100 38.09 3.89 -1.63
N THR B 101 36.81 4.19 -1.93
CA THR B 101 35.97 4.88 -0.96
C THR B 101 35.77 4.03 0.30
N LEU B 102 35.57 2.72 0.12
CA LEU B 102 35.41 1.85 1.28
C LEU B 102 36.68 1.82 2.13
N ASP B 103 37.84 1.77 1.49
CA ASP B 103 39.09 1.82 2.24
C ASP B 103 39.24 3.14 2.99
N ALA B 104 38.88 4.25 2.33
CA ALA B 104 38.94 5.55 3.00
C ALA B 104 38.03 5.57 4.21
N LEU B 105 36.83 4.99 4.09
CA LEU B 105 35.96 4.86 5.26
C LEU B 105 36.63 4.03 6.35
N ARG B 106 37.28 2.92 5.96
CA ARG B 106 38.01 2.13 6.94
C ARG B 106 39.06 2.95 7.65
N SER B 107 39.64 3.94 6.99
CA SER B 107 40.74 4.72 7.54
C SER B 107 40.28 5.96 8.30
N VAL B 108 38.99 6.27 8.32
CA VAL B 108 38.52 7.50 8.96
C VAL B 108 37.51 7.18 10.06
N VAL B 109 36.80 6.06 9.94
CA VAL B 109 35.77 5.69 10.91
C VAL B 109 35.97 4.26 11.39
N ASP B 110 37.15 3.71 11.15
CA ASP B 110 37.49 2.36 11.61
C ASP B 110 36.44 1.35 11.14
N LEU B 111 36.01 1.51 9.89
CA LEU B 111 35.02 0.60 9.32
C LEU B 111 35.58 -0.81 9.25
N THR B 112 34.78 -1.77 9.68
CA THR B 112 35.22 -3.16 9.76
C THR B 112 34.85 -3.94 8.51
N ASP B 113 35.61 -5.01 8.25
CA ASP B 113 35.36 -5.82 7.06
C ASP B 113 33.98 -6.46 7.10
N ASP B 114 33.47 -6.78 8.29
CA ASP B 114 32.10 -7.27 8.40
C ASP B 114 31.11 -6.22 7.90
N ASP B 115 31.39 -4.95 8.17
CA ASP B 115 30.56 -3.88 7.63
C ASP B 115 30.62 -3.88 6.10
N ILE B 116 31.81 -4.14 5.53
CA ILE B 116 31.92 -4.22 4.09
C ILE B 116 31.07 -5.35 3.54
N ALA B 117 31.11 -6.52 4.20
CA ALA B 117 30.31 -7.65 3.75
C ALA B 117 28.82 -7.33 3.82
N ALA B 118 28.40 -6.68 4.92
CA ALA B 118 27.00 -6.29 5.04
C ALA B 118 26.60 -5.31 3.95
N PHE B 119 27.48 -4.35 3.65
CA PHE B 119 27.20 -3.39 2.59
C PHE B 119 27.04 -4.11 1.25
N ARG B 120 27.93 -5.05 0.95
CA ARG B 120 27.86 -5.76 -0.32
C ARG B 120 26.57 -6.57 -0.41
N LYS B 121 26.19 -7.22 0.70
CA LYS B 121 24.92 -8.01 0.75
C LYS B 121 23.78 -7.07 0.38
N GLU B 122 23.75 -5.86 0.94
CA GLU B 122 22.65 -4.88 0.71
C GLU B 122 22.88 -4.16 -0.61
N ARG B 123 24.12 -4.15 -1.11
CA ARG B 123 24.45 -3.51 -2.40
C ARG B 123 23.51 -4.10 -3.44
N ALA B 124 23.22 -5.39 -3.36
CA ALA B 124 22.33 -6.09 -4.31
C ALA B 124 20.91 -6.19 -3.73
N ARG B 125 20.79 -6.49 -2.44
CA ARG B 125 19.45 -6.66 -1.80
C ARG B 125 18.64 -5.38 -2.01
N SER B 126 19.12 -4.26 -1.49
CA SER B 126 18.41 -2.95 -1.58
C SER B 126 18.13 -2.64 -3.06
N HIS B 127 16.89 -2.29 -3.40
CA HIS B 127 16.55 -1.89 -4.79
C HIS B 127 17.58 -0.88 -5.26
N ARG B 128 17.99 -0.91 -6.53
CA ARG B 128 18.95 0.03 -7.07
C ARG B 128 18.34 1.43 -7.16
N PHE B 129 19.21 2.42 -7.34
CA PHE B 129 18.79 3.82 -7.48
C PHE B 129 18.13 4.32 -6.20
N THR B 130 18.81 4.11 -5.08
CA THR B 130 18.31 4.53 -3.79
C THR B 130 19.47 4.59 -2.80
N SER B 131 19.14 4.93 -1.56
CA SER B 131 20.14 5.02 -0.50
C SER B 131 20.60 3.62 -0.09
N ILE B 132 21.81 3.57 0.48
CA ILE B 132 22.36 2.32 1.00
C ILE B 132 23.15 2.62 2.27
N PRO B 133 22.85 1.96 3.40
CA PRO B 133 23.63 2.19 4.61
C PRO B 133 24.78 1.21 4.75
N VAL B 134 25.82 1.67 5.46
CA VAL B 134 27.02 0.88 5.71
C VAL B 134 27.30 0.73 7.20
N LYS B 135 27.18 1.82 7.96
CA LYS B 135 27.59 1.85 9.36
C LYS B 135 26.40 2.23 10.23
N THR B 136 26.37 1.66 11.43
CA THR B 136 25.32 1.91 12.41
C THR B 136 25.95 2.26 13.75
N ASN B 137 25.15 2.95 14.58
CA ASN B 137 25.60 3.38 15.91
C ASN B 137 26.86 4.22 15.80
N LEU B 138 26.94 5.08 14.79
CA LEU B 138 28.09 5.94 14.62
C LEU B 138 28.29 6.82 15.85
N THR B 139 29.52 6.86 16.35
CA THR B 139 29.83 7.65 17.54
C THR B 139 30.05 9.11 17.16
N GLU B 140 29.99 9.97 18.18
CA GLU B 140 30.12 11.41 17.94
C GLU B 140 31.50 11.74 17.38
N VAL B 141 32.55 11.10 17.89
CA VAL B 141 33.90 11.35 17.38
C VAL B 141 33.99 10.98 15.91
N GLN B 142 33.40 9.84 15.53
CA GLN B 142 33.40 9.44 14.12
C GLN B 142 32.63 10.44 13.27
N VAL B 143 31.49 10.94 13.77
CA VAL B 143 30.74 11.95 13.04
C VAL B 143 31.59 13.19 12.82
N ALA B 144 32.29 13.64 13.86
CA ALA B 144 33.14 14.82 13.73
C ALA B 144 34.26 14.59 12.72
N ARG B 145 34.89 13.42 12.76
CA ARG B 145 35.96 13.12 11.80
C ARG B 145 35.42 13.14 10.37
N PHE B 146 34.28 12.50 10.15
CA PHE B 146 33.69 12.50 8.81
C PHE B 146 33.35 13.92 8.37
N ALA B 147 32.77 14.72 9.27
CA ALA B 147 32.41 16.08 8.91
C ALA B 147 33.64 16.91 8.54
N VAL B 148 34.73 16.75 9.29
CA VAL B 148 35.92 17.54 9.00
C VAL B 148 36.66 17.03 7.76
N ASN B 149 36.48 15.77 7.39
CA ASN B 149 37.05 15.22 6.16
C ASN B 149 35.97 14.69 5.23
N GLN B 150 34.86 15.42 5.13
CA GLN B 150 33.75 14.98 4.29
C GLN B 150 34.03 15.23 2.81
N TYR B 151 34.70 16.34 2.48
CA TYR B 151 34.92 16.70 1.09
C TYR B 151 35.80 15.71 0.34
N ARG B 152 36.50 14.81 1.04
CA ARG B 152 37.41 13.87 0.43
C ARG B 152 36.75 12.54 0.09
N PHE B 153 35.44 12.54 -0.13
CA PHE B 153 34.72 11.33 -0.51
C PHE B 153 33.80 11.63 -1.68
N PRO B 154 33.60 10.66 -2.59
CA PRO B 154 32.81 10.94 -3.80
C PRO B 154 31.36 11.30 -3.50
N GLY B 155 30.65 10.43 -2.81
CA GLY B 155 29.24 10.64 -2.56
C GLY B 155 28.76 10.15 -1.20
N VAL B 156 29.64 10.10 -0.23
CA VAL B 156 29.30 9.61 1.11
C VAL B 156 28.84 10.79 1.96
N GLU B 157 27.72 10.60 2.68
CA GLU B 157 27.18 11.65 3.54
C GLU B 157 26.65 11.01 4.81
N VAL B 158 26.87 11.68 5.94
CA VAL B 158 26.33 11.21 7.21
C VAL B 158 24.96 11.82 7.43
N LYS B 159 24.04 11.02 7.97
CA LYS B 159 22.68 11.49 8.21
C LYS B 159 22.16 10.87 9.50
N GLY B 160 21.44 11.67 10.28
CA GLY B 160 20.85 11.19 11.52
C GLY B 160 19.40 10.78 11.34
N TYR B 161 19.07 9.54 11.68
CA TYR B 161 17.73 9.00 11.53
C TYR B 161 17.19 8.62 12.90
N LYS B 162 15.97 9.07 13.20
CA LYS B 162 15.34 8.82 14.49
C LYS B 162 15.03 7.33 14.60
N ARG B 163 15.82 6.63 15.40
CA ARG B 163 15.60 5.21 15.66
C ARG B 163 15.06 5.07 17.07
N ARG B 164 13.97 4.32 17.22
CA ARG B 164 13.28 4.25 18.50
C ARG B 164 14.26 3.84 19.60
N TYR B 165 14.37 4.68 20.61
CA TYR B 165 15.22 4.42 21.77
C TYR B 165 14.33 3.97 22.93
N TYR B 166 14.82 2.98 23.68
CA TYR B 166 14.12 2.45 24.84
C TYR B 166 15.00 2.71 26.06
N PRO B 167 14.82 3.85 26.74
CA PRO B 167 15.72 4.17 27.86
C PRO B 167 15.75 3.09 28.93
N TYR B 168 14.61 2.45 29.19
CA TYR B 168 14.55 1.37 30.15
C TYR B 168 14.85 0.01 29.53
N GLY B 169 15.01 -0.05 28.22
CA GLY B 169 15.59 -1.22 27.58
C GLY B 169 14.87 -2.49 27.95
N SER B 170 15.61 -3.43 28.54
CA SER B 170 15.05 -4.74 28.86
C SER B 170 13.87 -4.64 29.82
N ALA B 171 13.65 -3.48 30.42
CA ALA B 171 12.49 -3.26 31.32
C ALA B 171 11.19 -3.61 30.58
N LEU B 172 10.80 -2.81 29.59
CA LEU B 172 9.56 -3.03 28.80
C LEU B 172 9.94 -3.27 27.34
N THR B 173 10.14 -4.53 26.94
CA THR B 173 10.53 -4.91 25.56
C THR B 173 9.44 -5.75 24.92
N HIS B 174 8.81 -6.63 25.70
CA HIS B 174 7.71 -7.48 25.20
C HIS B 174 6.43 -6.65 25.24
N VAL B 175 6.25 -5.86 26.30
CA VAL B 175 5.05 -5.00 26.47
C VAL B 175 5.12 -3.88 25.44
N ILE B 176 6.14 -3.03 25.49
CA ILE B 176 6.26 -1.84 24.60
C ILE B 176 6.58 -2.32 23.19
N GLY B 177 7.45 -3.31 23.01
CA GLY B 177 7.81 -3.85 21.72
C GLY B 177 9.10 -3.25 21.19
N TYR B 178 9.44 -3.68 19.97
CA TYR B 178 10.62 -3.19 19.28
C TYR B 178 10.28 -2.98 17.82
N VAL B 179 10.97 -2.02 17.21
CA VAL B 179 10.80 -1.70 15.79
C VAL B 179 12.04 -2.17 15.06
N SER B 180 11.84 -2.99 14.03
CA SER B 180 12.95 -3.56 13.28
C SER B 180 12.75 -3.27 11.79
N LYS B 181 13.77 -3.63 11.02
CA LYS B 181 13.83 -3.23 9.62
C LYS B 181 12.69 -3.84 8.82
N ILE B 182 12.19 -3.09 7.85
CA ILE B 182 11.16 -3.60 6.95
C ILE B 182 11.84 -4.43 5.86
N ASN B 183 11.48 -5.70 5.80
CA ASN B 183 12.02 -6.61 4.79
C ASN B 183 10.99 -6.76 3.67
N ASP B 184 11.28 -7.65 2.72
CA ASP B 184 10.39 -7.84 1.59
C ASP B 184 9.04 -8.39 2.03
N LYS B 185 9.03 -9.26 3.05
CA LYS B 185 7.76 -9.81 3.52
C LYS B 185 6.85 -8.73 4.07
N ASP B 186 7.41 -7.81 4.88
CA ASP B 186 6.60 -6.70 5.37
C ASP B 186 6.17 -5.79 4.22
N VAL B 187 7.05 -5.60 3.24
CA VAL B 187 6.70 -4.75 2.11
C VAL B 187 5.49 -5.31 1.38
N GLU B 188 5.51 -6.61 1.08
CA GLU B 188 4.37 -7.20 0.38
C GLU B 188 3.14 -7.27 1.27
N ARG B 189 3.31 -7.46 2.58
CA ARG B 189 2.17 -7.44 3.48
C ARG B 189 1.48 -6.08 3.47
N LEU B 190 2.26 -5.00 3.47
CA LEU B 190 1.68 -3.67 3.42
C LEU B 190 1.11 -3.38 2.04
N ASN B 191 1.72 -3.94 0.99
CA ASN B 191 1.15 -3.82 -0.34
C ASN B 191 -0.24 -4.45 -0.40
N ASN B 192 -0.40 -5.61 0.23
CA ASN B 192 -1.72 -6.23 0.31
C ASN B 192 -2.75 -5.26 0.91
N ASP B 193 -2.33 -4.47 1.89
CA ASP B 193 -3.18 -3.49 2.54
C ASP B 193 -3.03 -2.09 1.95
N GLY B 194 -2.20 -1.91 0.93
CA GLY B 194 -2.01 -0.61 0.33
C GLY B 194 -1.49 0.41 1.33
N LYS B 195 -0.48 0.03 2.10
CA LYS B 195 0.06 0.90 3.14
C LYS B 195 1.49 1.33 2.87
N LEU B 196 2.05 1.01 1.70
CA LEU B 196 3.40 1.50 1.38
C LEU B 196 3.45 3.02 1.38
N ALA B 197 2.34 3.67 1.04
CA ALA B 197 2.32 5.13 1.02
C ALA B 197 2.66 5.71 2.39
N ASN B 198 2.07 5.16 3.43
CA ASN B 198 2.27 5.65 4.79
C ASN B 198 3.55 5.11 5.43
N TYR B 199 4.29 4.26 4.73
CA TYR B 199 5.44 3.59 5.32
C TYR B 199 6.72 3.77 4.51
N ALA B 200 6.70 4.59 3.47
CA ALA B 200 7.88 4.77 2.65
C ALA B 200 9.04 5.33 3.45
N ALA B 201 8.78 6.33 4.28
CA ALA B 201 9.86 7.01 5.01
C ALA B 201 10.51 6.07 6.02
N THR B 202 9.70 5.43 6.86
CA THR B 202 10.23 4.68 7.99
C THR B 202 10.92 3.41 7.52
N HIS B 203 12.04 3.09 8.16
CA HIS B 203 12.74 1.83 7.91
C HIS B 203 12.50 0.78 8.99
N ASP B 204 12.27 1.20 10.23
CA ASP B 204 12.03 0.30 11.34
C ASP B 204 10.55 0.31 11.68
N ILE B 205 9.93 -0.87 11.68
CA ILE B 205 8.50 -1.02 11.94
C ILE B 205 8.30 -2.09 12.99
N GLY B 206 7.36 -1.85 13.90
CA GLY B 206 7.14 -2.73 15.02
C GLY B 206 6.87 -4.17 14.63
N LYS B 207 7.57 -5.09 15.28
CA LYS B 207 7.34 -6.52 15.08
C LYS B 207 6.58 -7.17 16.23
N LEU B 208 6.49 -6.51 17.37
CA LEU B 208 5.70 -7.01 18.49
C LEU B 208 5.53 -5.87 19.50
N GLY B 209 4.91 -6.20 20.63
CA GLY B 209 4.56 -5.22 21.64
C GLY B 209 3.51 -4.25 21.17
N ILE B 210 3.37 -3.17 21.95
CA ILE B 210 2.45 -2.11 21.59
C ILE B 210 2.84 -1.47 20.26
N GLU B 211 4.13 -1.59 19.90
CA GLU B 211 4.62 -1.03 18.61
C GLU B 211 3.81 -1.66 17.47
N ARG B 212 3.29 -2.88 17.63
CA ARG B 212 2.59 -3.58 16.56
C ARG B 212 1.07 -3.38 16.63
N TYR B 213 0.45 -3.72 17.77
CA TYR B 213 -1.01 -3.62 17.86
C TYR B 213 -1.48 -2.21 17.56
N TYR B 214 -0.84 -1.22 18.20
CA TYR B 214 -1.07 0.20 17.90
C TYR B 214 -0.04 0.73 16.92
N GLU B 215 0.42 -0.13 16.01
CA GLU B 215 1.39 0.31 15.02
C GLU B 215 0.86 1.49 14.22
N ASP B 216 -0.37 1.38 13.72
CA ASP B 216 -0.96 2.50 12.98
C ASP B 216 -1.23 3.69 13.91
N VAL B 217 -1.67 3.42 15.13
CA VAL B 217 -1.92 4.51 16.08
C VAL B 217 -0.62 5.22 16.44
N LEU B 218 0.44 4.46 16.70
CA LEU B 218 1.71 5.01 17.12
C LEU B 218 2.55 5.51 15.95
N HIS B 219 2.17 5.21 14.72
CA HIS B 219 2.88 5.67 13.54
C HIS B 219 2.26 6.93 12.97
N GLY B 220 0.98 6.89 12.65
CA GLY B 220 0.31 8.04 12.09
C GLY B 220 0.67 8.25 10.64
N GLN B 221 0.00 9.24 10.03
CA GLN B 221 0.28 9.56 8.63
C GLN B 221 1.71 10.03 8.48
N THR B 222 2.40 9.48 7.47
CA THR B 222 3.78 9.87 7.18
C THR B 222 3.77 11.05 6.23
N GLY B 223 4.66 12.00 6.47
CA GLY B 223 4.75 13.17 5.63
C GLY B 223 5.46 12.87 4.33
N TYR B 224 5.59 13.93 3.53
CA TYR B 224 6.31 13.88 2.27
C TYR B 224 6.69 15.31 1.90
N GLU B 225 7.62 15.44 0.97
CA GLU B 225 8.06 16.77 0.56
C GLU B 225 8.73 16.70 -0.79
N GLU B 226 8.55 17.76 -1.59
CA GLU B 226 9.23 17.93 -2.86
C GLU B 226 10.37 18.91 -2.64
N VAL B 227 11.52 18.37 -2.27
CA VAL B 227 12.70 19.16 -1.90
C VAL B 227 13.73 19.06 -3.01
N GLU B 228 14.19 20.21 -3.49
CA GLU B 228 15.22 20.25 -4.54
C GLU B 228 16.57 20.03 -3.87
N VAL B 229 17.07 18.81 -3.93
CA VAL B 229 18.31 18.43 -3.27
C VAL B 229 19.47 18.60 -4.25
N ASN B 230 20.50 19.31 -3.82
CA ASN B 230 21.71 19.46 -4.60
C ASN B 230 22.63 18.27 -4.34
N ASN B 231 23.89 18.37 -4.76
CA ASN B 231 24.86 17.32 -4.50
C ASN B 231 24.89 17.02 -3.00
N ARG B 232 25.34 15.82 -2.64
CA ARG B 232 25.40 15.33 -1.27
C ARG B 232 24.01 15.14 -0.66
N GLY B 233 22.95 15.29 -1.44
CA GLY B 233 21.60 15.11 -0.95
C GLY B 233 21.27 16.01 0.23
N ARG B 234 21.22 17.31 -0.02
CA ARG B 234 20.93 18.31 1.01
C ARG B 234 19.68 19.10 0.61
N VAL B 235 18.71 19.15 1.52
CA VAL B 235 17.49 19.91 1.26
C VAL B 235 17.83 21.40 1.27
N ILE B 236 17.62 22.06 0.13
CA ILE B 236 17.97 23.47 0.00
C ILE B 236 16.84 24.33 -0.54
N ARG B 237 15.83 23.77 -1.21
CA ARG B 237 14.78 24.56 -1.83
C ARG B 237 13.41 23.92 -1.62
N GLN B 238 13.15 23.48 -0.39
CA GLN B 238 11.87 22.86 -0.05
C GLN B 238 10.71 23.72 -0.52
N LEU B 239 9.83 23.14 -1.33
CA LEU B 239 8.70 23.87 -1.90
C LEU B 239 7.37 23.39 -1.35
N LYS B 240 7.07 22.09 -1.50
CA LYS B 240 5.81 21.50 -1.05
C LYS B 240 6.12 20.41 -0.04
N GLU B 241 5.37 20.39 1.06
CA GLU B 241 5.61 19.40 2.11
C GLU B 241 4.39 19.32 3.01
N VAL B 242 3.74 18.16 3.03
CA VAL B 242 2.63 17.92 3.95
C VAL B 242 3.22 17.59 5.32
N PRO B 243 2.84 18.30 6.38
CA PRO B 243 3.38 17.99 7.71
C PRO B 243 3.09 16.55 8.09
N PRO B 244 4.04 15.87 8.73
CA PRO B 244 3.80 14.47 9.14
C PRO B 244 2.93 14.43 10.39
N GLN B 245 1.88 13.64 10.33
CA GLN B 245 0.99 13.45 11.49
C GLN B 245 1.74 12.63 12.53
N ALA B 246 2.30 13.31 13.53
CA ALA B 246 3.05 12.61 14.55
C ALA B 246 2.19 11.56 15.23
N GLY B 247 2.78 10.38 15.44
CA GLY B 247 2.03 9.30 16.07
C GLY B 247 1.46 9.73 17.40
N HIS B 248 0.21 9.37 17.64
CA HIS B 248 -0.45 9.74 18.89
C HIS B 248 0.27 9.10 20.07
N ASP B 249 0.62 9.93 21.06
CA ASP B 249 1.36 9.44 22.21
C ASP B 249 0.46 8.60 23.10
N ILE B 250 0.47 7.28 22.88
CA ILE B 250 -0.38 6.40 23.67
C ILE B 250 0.04 6.48 25.13
N TYR B 251 -0.94 6.57 26.02
CA TYR B 251 -0.72 6.54 27.46
C TYR B 251 -1.14 5.17 27.96
N LEU B 252 -0.15 4.31 28.18
CA LEU B 252 -0.45 2.96 28.63
C LEU B 252 -1.02 2.98 30.04
N THR B 253 -1.71 1.90 30.40
CA THR B 253 -2.18 1.72 31.76
C THR B 253 -1.06 1.09 32.58
N LEU B 254 0.14 1.66 32.52
CA LEU B 254 1.32 1.08 33.13
C LEU B 254 1.83 1.97 34.26
N ASP B 255 2.44 1.32 35.25
CA ASP B 255 3.13 2.00 36.34
C ASP B 255 4.59 1.57 36.25
N LEU B 256 5.41 2.38 35.58
CA LEU B 256 6.79 1.97 35.32
C LEU B 256 7.52 1.61 36.59
N LYS B 257 7.25 2.32 37.69
CA LYS B 257 7.91 1.99 38.95
C LYS B 257 7.57 0.56 39.37
N LEU B 258 6.30 0.18 39.25
CA LEU B 258 5.90 -1.19 39.55
C LEU B 258 6.58 -2.18 38.61
N GLN B 259 6.69 -1.82 37.34
CA GLN B 259 7.39 -2.68 36.38
C GLN B 259 8.83 -2.92 36.81
N GLN B 260 9.55 -1.85 37.14
CA GLN B 260 10.92 -2.00 37.58
C GLN B 260 11.02 -2.83 38.85
N TYR B 261 10.12 -2.60 39.79
CA TYR B 261 10.16 -3.36 41.04
C TYR B 261 9.95 -4.85 40.77
N ILE B 262 8.95 -5.18 39.95
CA ILE B 262 8.66 -6.58 39.66
C ILE B 262 9.85 -7.23 38.95
N GLU B 263 10.42 -6.54 37.96
CA GLU B 263 11.54 -7.11 37.24
C GLU B 263 12.76 -7.29 38.14
N THR B 264 13.04 -6.31 38.99
CA THR B 264 14.17 -6.43 39.90
C THR B 264 14.00 -7.59 40.86
N LEU B 265 12.78 -7.76 41.41
CA LEU B 265 12.54 -8.91 42.27
C LEU B 265 12.41 -10.20 41.49
N LEU B 266 12.36 -10.14 40.16
CA LEU B 266 12.30 -11.35 39.33
C LEU B 266 13.69 -11.85 38.98
N ALA B 267 14.48 -11.02 38.27
CA ALA B 267 15.88 -11.32 37.90
C ALA B 267 15.93 -12.57 37.01
N GLY B 268 16.62 -13.63 37.44
CA GLY B 268 16.76 -14.87 36.64
C GLY B 268 15.45 -15.60 36.56
N SER B 269 14.79 -15.82 37.68
CA SER B 269 13.46 -16.48 37.72
C SER B 269 12.73 -16.15 36.42
N ARG B 270 12.59 -17.06 35.44
CA ARG B 270 11.81 -16.82 34.19
C ARG B 270 10.33 -16.81 34.57
N ALA B 271 9.48 -15.94 34.01
CA ALA B 271 8.08 -15.76 34.46
C ALA B 271 7.40 -14.57 33.78
N ALA B 272 6.14 -14.28 34.12
CA ALA B 272 5.41 -13.15 33.57
C ALA B 272 4.39 -12.68 34.60
N VAL B 273 4.20 -11.36 34.71
CA VAL B 273 3.30 -10.78 35.75
C VAL B 273 2.33 -9.80 35.11
N VAL B 274 1.02 -10.06 35.21
CA VAL B 274 -0.03 -9.19 34.58
C VAL B 274 -0.87 -8.56 35.68
N VAL B 275 -0.36 -7.53 36.36
CA VAL B 275 -1.14 -6.78 37.38
C VAL B 275 -2.16 -5.95 36.60
N THR B 276 -3.31 -5.62 37.17
CA THR B 276 -4.41 -4.88 36.48
C THR B 276 -5.14 -4.00 37.49
N ASP B 277 -6.20 -3.31 37.09
CA ASP B 277 -7.00 -2.41 37.97
C ASP B 277 -8.46 -2.64 37.58
N PRO B 278 -9.21 -3.55 38.21
CA PRO B 278 -10.58 -3.88 37.75
C PRO B 278 -11.46 -2.66 37.54
N ARG B 279 -11.31 -1.62 38.35
CA ARG B 279 -12.21 -0.47 38.25
C ARG B 279 -12.19 0.13 36.86
N THR B 280 -10.99 0.42 36.34
CA THR B 280 -10.86 1.10 35.05
C THR B 280 -10.60 0.15 33.89
N GLY B 281 -10.25 -1.11 34.15
CA GLY B 281 -10.02 -2.06 33.09
C GLY B 281 -8.59 -2.13 32.59
N GLY B 282 -7.69 -1.29 33.10
CA GLY B 282 -6.33 -1.26 32.61
C GLY B 282 -5.47 -2.39 33.15
N VAL B 283 -4.27 -2.51 32.60
CA VAL B 283 -3.31 -3.53 32.99
C VAL B 283 -2.12 -2.80 33.61
N LEU B 284 -2.05 -2.78 34.94
CA LEU B 284 -1.08 -1.93 35.63
C LEU B 284 0.35 -2.32 35.29
N ALA B 285 0.65 -3.62 35.26
CA ALA B 285 2.01 -4.07 35.01
C ALA B 285 1.97 -5.35 34.20
N LEU B 286 2.57 -5.32 33.00
CA LEU B 286 2.72 -6.53 32.13
C LEU B 286 4.22 -6.83 32.12
N VAL B 287 4.65 -8.00 32.54
CA VAL B 287 6.05 -8.34 32.76
C VAL B 287 6.38 -9.65 32.07
N SER B 288 7.58 -9.72 31.50
CA SER B 288 8.16 -10.96 31.00
C SER B 288 9.63 -10.99 31.39
N THR B 289 10.09 -12.13 31.89
CA THR B 289 11.41 -12.16 32.54
C THR B 289 12.54 -11.89 31.57
N PRO B 290 12.81 -12.73 30.56
CA PRO B 290 14.03 -12.57 29.76
C PRO B 290 14.18 -11.18 29.17
N SER B 291 13.19 -10.75 28.40
CA SER B 291 13.14 -9.39 27.87
C SER B 291 14.49 -8.97 27.28
N TYR B 292 14.86 -9.66 26.20
CA TYR B 292 16.06 -9.34 25.44
C TYR B 292 16.15 -7.83 25.21
N ASP B 293 17.36 -7.31 25.15
CA ASP B 293 17.54 -5.87 24.94
C ASP B 293 16.85 -5.45 23.65
N PRO B 294 16.00 -4.42 23.68
CA PRO B 294 15.29 -4.04 22.45
C PRO B 294 16.13 -3.22 21.49
N ASN B 295 17.15 -2.50 21.98
CA ASN B 295 17.96 -1.67 21.10
C ASN B 295 18.74 -2.49 20.09
N LEU B 296 19.01 -3.77 20.38
CA LEU B 296 19.71 -4.61 19.41
C LEU B 296 18.92 -4.72 18.11
N PHE B 297 17.61 -4.95 18.21
CA PHE B 297 16.79 -5.07 17.01
C PHE B 297 16.67 -3.75 16.28
N VAL B 298 16.58 -2.64 17.00
CA VAL B 298 16.39 -1.34 16.36
C VAL B 298 17.59 -1.00 15.47
N ASP B 299 18.80 -1.17 16.00
CA ASP B 299 20.02 -0.76 15.31
C ASP B 299 20.67 -1.91 14.55
N GLY B 300 19.99 -2.41 13.52
CA GLY B 300 20.59 -3.39 12.64
C GLY B 300 21.11 -4.64 13.33
N ILE B 301 20.22 -5.38 14.01
CA ILE B 301 20.64 -6.63 14.62
C ILE B 301 21.29 -7.51 13.56
N SER B 302 22.46 -8.04 13.89
CA SER B 302 23.19 -8.91 12.96
C SER B 302 22.60 -10.31 13.00
N SER B 303 22.93 -11.10 11.99
CA SER B 303 22.43 -12.47 11.93
C SER B 303 22.93 -13.30 13.12
N LYS B 304 24.17 -13.06 13.54
CA LYS B 304 24.74 -13.85 14.64
C LYS B 304 23.95 -13.65 15.92
N ASP B 305 23.72 -12.40 16.33
CA ASP B 305 23.02 -12.14 17.57
C ASP B 305 21.57 -12.60 17.51
N TYR B 306 20.91 -12.38 16.37
CA TYR B 306 19.53 -12.83 16.23
C TYR B 306 19.44 -14.36 16.31
N SER B 307 20.37 -15.06 15.68
CA SER B 307 20.39 -16.51 15.78
C SER B 307 20.64 -16.96 17.21
N ALA B 308 21.55 -16.28 17.92
CA ALA B 308 21.82 -16.62 19.31
C ALA B 308 20.56 -16.45 20.16
N LEU B 309 19.83 -15.36 19.95
CA LEU B 309 18.58 -15.16 20.67
C LEU B 309 17.57 -16.25 20.31
N LEU B 310 17.45 -16.59 19.02
CA LEU B 310 16.43 -17.53 18.59
C LEU B 310 16.62 -18.90 19.22
N ASN B 311 17.86 -19.39 19.27
CA ASN B 311 18.15 -20.68 19.86
C ASN B 311 18.46 -20.61 21.35
N ASP B 312 18.33 -19.43 21.95
CA ASP B 312 18.61 -19.29 23.37
C ASP B 312 17.66 -20.17 24.17
N PRO B 313 18.16 -20.93 25.15
CA PRO B 313 17.24 -21.78 25.94
C PRO B 313 16.17 -20.98 26.67
N ASN B 314 16.49 -19.76 27.11
CA ASN B 314 15.51 -18.92 27.80
C ASN B 314 14.39 -18.45 26.89
N THR B 315 14.60 -18.51 25.57
CA THR B 315 13.60 -18.08 24.58
C THR B 315 13.19 -16.64 24.93
N PRO B 316 14.10 -15.66 24.85
CA PRO B 316 13.72 -14.26 25.08
C PRO B 316 12.68 -13.74 24.11
N LEU B 317 12.65 -14.27 22.89
CA LEU B 317 11.72 -13.77 21.88
C LEU B 317 10.27 -14.06 22.23
N VAL B 318 10.01 -14.93 23.20
CA VAL B 318 8.64 -15.30 23.58
C VAL B 318 8.18 -14.35 24.68
N ASN B 319 7.13 -13.59 24.39
CA ASN B 319 6.48 -12.76 25.41
C ASN B 319 5.54 -13.66 26.19
N ARG B 320 5.96 -14.02 27.41
CA ARG B 320 5.19 -14.98 28.21
C ARG B 320 3.83 -14.45 28.61
N ALA B 321 3.58 -13.15 28.47
CA ALA B 321 2.29 -12.60 28.84
C ALA B 321 1.20 -13.01 27.85
N THR B 322 1.53 -13.09 26.56
CA THR B 322 0.57 -13.44 25.54
C THR B 322 0.87 -14.78 24.88
N GLN B 323 2.09 -14.93 24.38
CA GLN B 323 2.50 -16.18 23.70
C GLN B 323 2.51 -17.29 24.76
N GLY B 324 2.88 -16.97 26.00
CA GLY B 324 2.89 -17.95 27.06
C GLY B 324 1.50 -18.50 27.26
N VAL B 325 1.27 -19.73 26.82
CA VAL B 325 -0.02 -20.40 26.89
C VAL B 325 0.15 -21.55 27.87
N TYR B 326 -0.27 -21.33 29.12
CA TYR B 326 0.03 -22.24 30.21
C TYR B 326 -1.25 -22.64 30.91
N PRO B 327 -1.30 -23.82 31.52
CA PRO B 327 -2.51 -24.26 32.21
C PRO B 327 -2.74 -23.43 33.46
N PRO B 328 -3.92 -22.80 33.59
CA PRO B 328 -4.18 -22.02 34.81
C PRO B 328 -4.16 -22.83 36.08
N ALA B 329 -4.30 -24.15 35.99
CA ALA B 329 -4.22 -25.05 37.15
C ALA B 329 -5.33 -24.65 38.13
N SER B 330 -5.02 -24.14 39.32
CA SER B 330 -6.03 -23.81 40.31
C SER B 330 -6.59 -22.41 40.15
N THR B 331 -6.06 -21.61 39.22
CA THR B 331 -6.57 -20.25 39.05
C THR B 331 -8.00 -20.23 38.55
N VAL B 332 -8.49 -21.34 37.99
CA VAL B 332 -9.84 -21.35 37.42
C VAL B 332 -10.92 -21.69 38.44
N LYS B 333 -10.54 -22.08 39.65
CA LYS B 333 -11.54 -22.53 40.63
C LYS B 333 -12.62 -21.48 40.89
N PRO B 334 -12.33 -20.19 41.06
CA PRO B 334 -13.41 -19.22 41.26
C PRO B 334 -14.42 -19.21 40.11
N TYR B 335 -13.94 -19.36 38.88
CA TYR B 335 -14.83 -19.25 37.73
C TYR B 335 -15.69 -20.49 37.55
N VAL B 336 -15.13 -21.68 37.80
CA VAL B 336 -15.96 -22.88 37.79
C VAL B 336 -16.99 -22.82 38.91
N ALA B 337 -16.60 -22.29 40.06
CA ALA B 337 -17.55 -22.14 41.16
C ALA B 337 -18.68 -21.19 40.77
N VAL B 338 -18.34 -20.07 40.13
CA VAL B 338 -19.36 -19.11 39.70
C VAL B 338 -20.29 -19.75 38.68
N SER B 339 -19.73 -20.50 37.73
CA SER B 339 -20.56 -21.17 36.73
C SER B 339 -21.50 -22.17 37.38
N ALA B 340 -21.00 -22.96 38.34
CA ALA B 340 -21.84 -23.93 39.02
C ALA B 340 -22.96 -23.24 39.78
N LEU B 341 -22.65 -22.14 40.48
CA LEU B 341 -23.69 -21.42 41.21
C LEU B 341 -24.70 -20.78 40.26
N SER B 342 -24.27 -20.43 39.05
CA SER B 342 -25.16 -19.84 38.06
C SER B 342 -25.90 -20.88 37.23
N ALA B 343 -25.58 -22.17 37.40
CA ALA B 343 -26.22 -23.25 36.67
C ALA B 343 -26.55 -24.40 37.60
N GLY B 344 -27.02 -24.08 38.80
CA GLY B 344 -27.37 -25.10 39.78
C GLY B 344 -26.17 -25.93 40.21
N ASP B 402 -21.03 -30.34 28.69
CA ASP B 402 -19.85 -29.49 28.80
C ASP B 402 -20.25 -28.02 28.81
N ARG B 403 -21.30 -27.70 29.56
CA ARG B 403 -21.73 -26.31 29.67
C ARG B 403 -20.65 -25.42 30.27
N LEU B 404 -19.78 -25.99 31.11
CA LEU B 404 -18.69 -25.21 31.68
C LEU B 404 -17.78 -24.66 30.60
N SER B 405 -17.60 -25.40 29.50
CA SER B 405 -16.81 -24.88 28.39
C SER B 405 -17.43 -23.62 27.82
N GLU B 406 -18.76 -23.62 27.62
CA GLU B 406 -19.43 -22.42 27.13
C GLU B 406 -19.30 -21.28 28.12
N TRP B 407 -19.44 -21.57 29.42
CA TRP B 407 -19.32 -20.53 30.42
C TRP B 407 -17.93 -19.90 30.40
N MET B 408 -16.89 -20.73 30.32
CA MET B 408 -15.54 -20.21 30.27
C MET B 408 -15.31 -19.41 28.99
N GLY B 409 -15.82 -19.88 27.86
CA GLY B 409 -15.73 -19.10 26.64
C GLY B 409 -16.37 -17.74 26.80
N LYS B 410 -17.50 -17.69 27.51
CA LYS B 410 -18.11 -16.40 27.82
C LYS B 410 -17.19 -15.55 28.68
N PHE B 411 -16.53 -16.17 29.66
CA PHE B 411 -15.62 -15.42 30.52
C PHE B 411 -14.47 -14.82 29.72
N GLY B 412 -13.92 -15.57 28.77
CA GLY B 412 -12.84 -15.08 27.95
C GLY B 412 -11.81 -16.12 27.58
N TYR B 413 -11.78 -17.23 28.31
CA TYR B 413 -10.83 -18.30 28.01
C TYR B 413 -11.13 -18.92 26.65
N GLY B 414 -10.07 -19.31 25.95
CA GLY B 414 -10.21 -19.91 24.63
C GLY B 414 -10.38 -18.93 23.50
N HIS B 415 -10.41 -17.63 23.78
CA HIS B 415 -10.56 -16.61 22.76
C HIS B 415 -9.58 -15.48 23.03
N TYR B 416 -9.27 -14.72 21.97
CA TYR B 416 -8.48 -13.52 22.15
C TYR B 416 -9.17 -12.59 23.15
N THR B 417 -8.39 -12.04 24.06
CA THR B 417 -8.94 -11.21 25.13
C THR B 417 -9.18 -9.78 24.71
N GLY B 418 -8.82 -9.42 23.48
CA GLY B 418 -8.87 -8.03 23.07
C GLY B 418 -7.71 -7.20 23.58
N ILE B 419 -6.70 -7.83 24.18
CA ILE B 419 -5.55 -7.09 24.66
C ILE B 419 -4.92 -6.32 23.51
N ASP B 420 -4.21 -5.25 23.86
CA ASP B 420 -3.57 -4.40 22.86
C ASP B 420 -2.25 -5.01 22.41
N LEU B 421 -2.28 -6.26 21.96
CA LEU B 421 -1.07 -6.95 21.50
C LEU B 421 -1.49 -7.91 20.40
N ALA B 422 -1.19 -7.55 19.15
CA ALA B 422 -1.61 -8.37 18.01
C ALA B 422 -0.96 -9.74 18.06
N GLU B 423 0.18 -9.85 18.73
CA GLU B 423 0.94 -11.09 18.82
C GLU B 423 0.47 -11.94 19.99
N GLU B 424 -0.84 -12.17 20.07
CA GLU B 424 -1.44 -12.88 21.18
C GLU B 424 -1.93 -14.24 20.72
N ARG B 425 -1.58 -15.28 21.46
CA ARG B 425 -2.02 -16.63 21.15
C ARG B 425 -3.32 -16.91 21.90
N SER B 426 -4.35 -17.30 21.16
CA SER B 426 -5.67 -17.47 21.75
C SER B 426 -5.69 -18.58 22.79
N GLY B 427 -4.93 -19.64 22.55
CA GLY B 427 -4.95 -20.79 23.43
C GLY B 427 -6.08 -21.75 23.08
N ASN B 428 -6.08 -22.89 23.77
CA ASN B 428 -7.03 -23.96 23.51
C ASN B 428 -8.02 -24.08 24.66
N MET B 429 -9.26 -24.41 24.32
CA MET B 429 -10.33 -24.60 25.31
C MET B 429 -10.85 -26.03 25.12
N PRO B 430 -10.35 -27.00 25.91
CA PRO B 430 -10.71 -28.39 25.65
C PRO B 430 -12.22 -28.61 25.73
N THR B 431 -12.70 -29.50 24.85
CA THR B 431 -14.12 -29.80 24.77
C THR B 431 -14.34 -31.32 24.79
N TRP B 458 -5.72 -27.77 28.09
CA TRP B 458 -6.13 -26.41 28.44
C TRP B 458 -4.93 -25.52 28.63
N THR B 459 -4.84 -24.46 27.82
CA THR B 459 -3.76 -23.49 27.92
C THR B 459 -4.35 -22.10 27.76
N ALA B 460 -4.17 -21.26 28.78
CA ALA B 460 -4.65 -19.90 28.77
C ALA B 460 -3.50 -18.96 29.10
N THR B 461 -3.43 -17.85 28.37
CA THR B 461 -2.36 -16.89 28.58
C THR B 461 -2.61 -16.09 29.85
N PRO B 462 -1.57 -15.49 30.43
CA PRO B 462 -1.78 -14.69 31.65
C PRO B 462 -2.82 -13.61 31.50
N ILE B 463 -2.89 -12.95 30.34
CA ILE B 463 -3.89 -11.89 30.17
C ILE B 463 -5.29 -12.48 30.17
N GLN B 464 -5.43 -13.74 29.75
CA GLN B 464 -6.75 -14.43 29.79
C GLN B 464 -7.15 -14.57 31.26
N MET B 465 -6.25 -14.97 32.16
CA MET B 465 -6.55 -15.05 33.58
C MET B 465 -6.84 -13.67 34.15
N SER B 466 -6.13 -12.66 33.66
CA SER B 466 -6.41 -11.29 34.09
C SER B 466 -7.84 -10.88 33.74
N LYS B 467 -8.27 -11.20 32.52
CA LYS B 467 -9.64 -10.88 32.11
C LYS B 467 -10.66 -11.63 32.96
N ALA B 468 -10.40 -12.91 33.23
CA ALA B 468 -11.32 -13.69 34.05
C ALA B 468 -11.44 -13.09 35.44
N LEU B 469 -10.30 -12.73 36.05
CA LEU B 469 -10.33 -12.10 37.36
C LEU B 469 -11.04 -10.76 37.31
N MET B 470 -10.83 -9.99 36.24
CA MET B 470 -11.54 -8.72 36.11
C MET B 470 -13.04 -8.92 36.11
N ILE B 471 -13.52 -9.89 35.34
CA ILE B 471 -14.95 -10.18 35.31
C ILE B 471 -15.41 -10.64 36.70
N LEU B 472 -14.58 -11.40 37.39
CA LEU B 472 -14.95 -11.86 38.73
C LEU B 472 -15.11 -10.68 39.69
N ILE B 473 -14.18 -9.72 39.65
CA ILE B 473 -14.27 -8.56 40.53
C ILE B 473 -15.51 -7.74 40.21
N ASN B 474 -15.76 -7.51 38.92
CA ASN B 474 -16.86 -6.66 38.48
C ASN B 474 -18.23 -7.34 38.57
N ASP B 475 -18.34 -8.51 39.21
CA ASP B 475 -19.64 -9.20 39.42
C ASP B 475 -20.27 -9.61 38.09
N GLY B 476 -19.47 -9.88 37.05
CA GLY B 476 -19.96 -10.28 35.75
C GLY B 476 -19.81 -9.24 34.66
N ILE B 477 -19.68 -7.97 35.01
CA ILE B 477 -19.47 -6.94 34.01
C ILE B 477 -18.10 -7.16 33.36
N VAL B 478 -18.07 -7.12 32.03
CA VAL B 478 -16.88 -7.50 31.27
C VAL B 478 -16.13 -6.25 30.86
N LYS B 479 -14.82 -6.23 31.16
CA LYS B 479 -13.92 -5.17 30.72
C LYS B 479 -12.71 -5.79 30.07
N VAL B 480 -12.35 -5.30 28.90
CA VAL B 480 -11.19 -5.84 28.18
C VAL B 480 -9.91 -5.52 28.96
N PRO B 481 -8.96 -6.44 29.07
CA PRO B 481 -7.70 -6.11 29.74
C PRO B 481 -6.84 -5.18 28.90
N HIS B 482 -7.39 -4.02 28.58
CA HIS B 482 -6.70 -3.07 27.72
C HIS B 482 -5.46 -2.51 28.40
N LEU B 483 -4.45 -2.21 27.60
CA LEU B 483 -3.25 -1.52 28.07
C LEU B 483 -3.25 -0.05 27.72
N LEU B 484 -4.10 0.39 26.79
CA LEU B 484 -4.18 1.79 26.38
C LEU B 484 -5.09 2.51 27.36
N MET B 485 -4.49 3.30 28.26
CA MET B 485 -5.30 4.12 29.16
C MET B 485 -5.89 5.31 28.44
N SER B 486 -5.19 5.85 27.46
CA SER B 486 -5.66 7.01 26.72
C SER B 486 -4.80 7.15 25.46
N THR B 487 -4.99 8.25 24.74
CA THR B 487 -4.22 8.52 23.53
C THR B 487 -4.21 10.02 23.28
N ALA B 488 -3.59 10.42 22.18
CA ALA B 488 -3.51 11.82 21.79
C ALA B 488 -4.62 12.15 20.81
N GLU B 489 -5.37 13.20 21.11
CA GLU B 489 -6.48 13.64 20.27
C GLU B 489 -6.45 15.16 20.25
N ASP B 490 -7.54 15.77 19.79
CA ASP B 490 -7.65 17.22 19.84
C ASP B 490 -7.44 17.74 21.26
N GLY B 491 -8.06 17.09 22.23
CA GLY B 491 -7.83 17.41 23.63
C GLY B 491 -6.58 16.79 24.22
N LYS B 492 -5.84 16.02 23.43
CA LYS B 492 -4.59 15.37 23.80
C LYS B 492 -4.76 14.23 24.77
N GLN B 493 -5.99 13.92 25.18
CA GLN B 493 -6.23 12.83 26.12
C GLN B 493 -7.68 12.41 26.01
N VAL B 494 -7.92 11.13 25.75
CA VAL B 494 -9.27 10.56 25.73
C VAL B 494 -9.23 9.21 26.42
N PRO B 495 -10.03 8.98 27.46
CA PRO B 495 -9.99 7.68 28.13
C PRO B 495 -10.43 6.56 27.19
N TRP B 496 -9.86 5.38 27.41
CA TRP B 496 -10.19 4.22 26.59
C TRP B 496 -11.58 3.73 26.98
N VAL B 497 -12.49 3.72 26.02
CA VAL B 497 -13.89 3.36 26.27
C VAL B 497 -14.04 1.85 26.12
N GLN B 498 -14.63 1.22 27.13
CA GLN B 498 -14.78 -0.23 27.12
C GLN B 498 -15.92 -0.63 26.19
N PRO B 499 -15.70 -1.59 25.27
CA PRO B 499 -16.80 -2.05 24.42
C PRO B 499 -17.75 -2.96 25.18
N HIS B 500 -18.95 -2.46 25.48
CA HIS B 500 -19.92 -3.25 26.23
C HIS B 500 -20.28 -4.51 25.45
N GLU B 501 -20.27 -5.64 26.14
CA GLU B 501 -20.71 -6.92 25.60
C GLU B 501 -21.54 -7.62 26.66
N PRO B 502 -22.39 -8.56 26.27
CA PRO B 502 -23.33 -9.15 27.23
C PRO B 502 -22.63 -9.59 28.50
N PRO B 503 -22.92 -8.94 29.63
CA PRO B 503 -22.33 -9.39 30.90
C PRO B 503 -22.78 -10.81 31.23
N VAL B 504 -21.88 -11.57 31.84
CA VAL B 504 -22.18 -12.95 32.19
C VAL B 504 -23.11 -12.96 33.40
N GLY B 505 -24.23 -13.67 33.27
CA GLY B 505 -25.15 -13.78 34.39
C GLY B 505 -25.82 -12.45 34.70
N ASP B 506 -26.39 -12.40 35.90
CA ASP B 506 -27.08 -11.22 36.40
C ASP B 506 -26.22 -10.56 37.47
N ILE B 507 -26.08 -9.24 37.37
CA ILE B 507 -25.25 -8.51 38.33
C ILE B 507 -25.81 -8.66 39.73
N HIS B 508 -27.13 -8.52 39.89
CA HIS B 508 -27.78 -8.57 41.19
C HIS B 508 -27.96 -10.03 41.65
N SER B 509 -26.83 -10.71 41.79
CA SER B 509 -26.80 -12.08 42.28
C SER B 509 -25.63 -12.23 43.25
N GLY B 510 -25.86 -12.98 44.32
CA GLY B 510 -24.85 -13.17 45.35
C GLY B 510 -23.81 -14.22 45.04
N TYR B 511 -23.89 -14.85 43.87
CA TYR B 511 -22.93 -15.89 43.53
C TYR B 511 -21.52 -15.32 43.39
N TRP B 512 -21.38 -14.16 42.75
CA TRP B 512 -20.06 -13.59 42.55
C TRP B 512 -19.41 -13.27 43.89
N GLU B 513 -20.16 -12.66 44.80
CA GLU B 513 -19.64 -12.37 46.13
C GLU B 513 -19.21 -13.64 46.84
N LEU B 514 -19.87 -14.77 46.56
CA LEU B 514 -19.46 -16.02 47.18
C LEU B 514 -18.04 -16.39 46.75
N ALA B 515 -17.75 -16.27 45.46
CA ALA B 515 -16.39 -16.57 44.98
C ALA B 515 -15.38 -15.59 45.55
N LYS B 516 -15.73 -14.30 45.59
CA LYS B 516 -14.81 -13.33 46.18
C LYS B 516 -14.52 -13.67 47.64
N ASP B 517 -15.56 -14.01 48.40
CA ASP B 517 -15.38 -14.35 49.81
C ASP B 517 -14.54 -15.60 49.96
N GLY B 518 -14.75 -16.59 49.09
CA GLY B 518 -13.92 -17.79 49.15
C GLY B 518 -12.45 -17.47 48.93
N MET B 519 -12.15 -16.66 47.91
CA MET B 519 -10.76 -16.31 47.66
C MET B 519 -10.18 -15.49 48.80
N TYR B 520 -10.97 -14.56 49.35
CA TYR B 520 -10.51 -13.75 50.48
C TYR B 520 -10.21 -14.63 51.68
N GLY B 521 -11.06 -15.61 51.97
CA GLY B 521 -10.79 -16.52 53.06
C GLY B 521 -9.54 -17.35 52.81
N VAL B 522 -9.36 -17.82 51.57
CA VAL B 522 -8.16 -18.58 51.24
C VAL B 522 -6.92 -17.73 51.48
N ALA B 523 -6.99 -16.44 51.16
CA ALA B 523 -5.85 -15.55 51.34
C ALA B 523 -5.70 -15.04 52.77
N ASN B 524 -6.73 -15.16 53.60
CA ASN B 524 -6.72 -14.57 54.94
C ASN B 524 -7.34 -15.50 55.96
N ARG B 525 -7.01 -16.79 55.90
CA ARG B 525 -7.47 -17.73 56.91
C ARG B 525 -6.42 -18.84 57.03
N PRO B 526 -6.13 -19.32 58.24
CA PRO B 526 -5.06 -20.32 58.38
C PRO B 526 -5.25 -21.55 57.50
N ASN B 527 -6.49 -22.00 57.31
CA ASN B 527 -6.70 -23.14 56.42
C ASN B 527 -6.29 -22.82 54.99
N GLY B 528 -6.35 -21.54 54.61
CA GLY B 528 -5.94 -21.16 53.27
C GLY B 528 -4.44 -21.29 53.06
N THR B 529 -4.06 -21.58 51.83
CA THR B 529 -2.65 -21.79 51.51
C THR B 529 -1.88 -20.47 51.41
N ALA B 530 -2.54 -19.39 50.99
CA ALA B 530 -1.88 -18.10 50.80
C ALA B 530 -1.91 -17.22 52.04
N HIS B 531 -2.41 -17.73 53.16
CA HIS B 531 -2.51 -16.91 54.37
C HIS B 531 -1.14 -16.42 54.83
N LYS B 532 -0.14 -17.30 54.81
CA LYS B 532 1.18 -16.93 55.30
C LYS B 532 1.80 -15.80 54.51
N TYR B 533 1.36 -15.57 53.27
CA TYR B 533 1.92 -14.56 52.41
C TYR B 533 1.24 -13.20 52.54
N PHE B 534 0.10 -13.13 53.26
CA PHE B 534 -0.61 -11.86 53.41
C PHE B 534 -1.16 -11.67 54.82
N ALA B 535 -0.63 -12.39 55.81
CA ALA B 535 -1.16 -12.27 57.16
C ALA B 535 -0.92 -10.88 57.73
N SER B 536 0.25 -10.31 57.47
CA SER B 536 0.66 -9.05 58.08
C SER B 536 0.18 -7.83 57.30
N ALA B 537 -0.60 -8.01 56.25
CA ALA B 537 -1.04 -6.89 55.43
C ALA B 537 -1.94 -5.97 56.24
N PRO B 538 -1.63 -4.68 56.38
CA PRO B 538 -2.55 -3.79 57.09
C PRO B 538 -3.91 -3.70 56.43
N TYR B 539 -3.96 -3.81 55.11
CA TYR B 539 -5.19 -3.88 54.35
C TYR B 539 -5.46 -5.32 53.95
N LYS B 540 -6.72 -5.73 54.00
CA LYS B 540 -7.06 -7.11 53.69
C LYS B 540 -6.63 -7.44 52.26
N ILE B 541 -6.19 -8.69 52.08
CA ILE B 541 -5.82 -9.18 50.76
C ILE B 541 -6.53 -10.50 50.48
N ASP B 570 8.85 -26.58 37.17
CA ASP B 570 7.44 -26.50 37.51
C ASP B 570 6.98 -25.05 37.60
N HIS B 571 6.01 -24.69 36.76
CA HIS B 571 5.50 -23.32 36.79
C HIS B 571 4.66 -23.09 38.04
N LYS B 572 4.80 -21.91 38.63
CA LYS B 572 4.12 -21.54 39.87
C LYS B 572 3.33 -20.26 39.61
N LEU B 573 2.01 -20.38 39.54
CA LEU B 573 1.14 -19.25 39.27
C LEU B 573 0.24 -18.95 40.48
N MET B 574 -0.22 -17.70 40.54
CA MET B 574 -1.12 -17.28 41.60
C MET B 574 -1.71 -15.91 41.28
N THR B 575 -3.02 -15.74 41.53
CA THR B 575 -3.74 -14.48 41.23
C THR B 575 -4.60 -14.09 42.43
N ALA B 576 -4.64 -12.81 42.78
CA ALA B 576 -5.49 -12.32 43.86
C ALA B 576 -5.68 -10.82 43.69
N PHE B 577 -6.58 -10.27 44.51
CA PHE B 577 -6.82 -8.83 44.53
C PHE B 577 -6.79 -8.38 45.99
N ALA B 578 -5.99 -7.34 46.27
CA ALA B 578 -5.76 -6.95 47.65
C ALA B 578 -7.00 -6.32 48.27
N PRO B 579 -7.44 -5.14 47.82
CA PRO B 579 -8.49 -4.42 48.56
C PRO B 579 -9.86 -5.05 48.39
N TYR B 580 -10.20 -6.01 49.24
CA TYR B 580 -11.48 -6.70 49.10
C TYR B 580 -12.66 -5.75 48.98
N ASN B 581 -12.69 -4.71 49.81
CA ASN B 581 -13.75 -3.71 49.74
C ASN B 581 -13.37 -2.63 48.71
N ASN B 582 -14.06 -2.65 47.58
CA ASN B 582 -13.77 -1.77 46.46
C ASN B 582 -12.35 -2.02 45.96
N PRO B 583 -12.06 -3.18 45.38
CA PRO B 583 -10.70 -3.44 44.89
C PRO B 583 -10.29 -2.43 43.84
N GLN B 584 -9.01 -2.03 43.91
CA GLN B 584 -8.43 -1.11 42.95
C GLN B 584 -7.26 -1.71 42.18
N VAL B 585 -6.78 -2.89 42.54
CA VAL B 585 -5.73 -3.58 41.80
C VAL B 585 -5.99 -5.08 41.85
N ALA B 586 -5.97 -5.72 40.69
CA ALA B 586 -6.12 -7.16 40.56
C ALA B 586 -4.93 -7.70 39.77
N VAL B 587 -4.39 -8.83 40.21
CA VAL B 587 -3.14 -9.36 39.68
C VAL B 587 -3.32 -10.82 39.29
N ALA B 588 -2.61 -11.24 38.25
CA ALA B 588 -2.49 -12.64 37.88
C ALA B 588 -1.13 -12.81 37.22
N MET B 589 -0.30 -13.69 37.78
CA MET B 589 1.05 -13.86 37.25
C MET B 589 1.47 -15.32 37.35
N ILE B 590 2.50 -15.65 36.58
CA ILE B 590 3.01 -17.01 36.46
C ILE B 590 4.51 -16.98 36.69
N LEU B 591 5.02 -17.92 37.48
CA LEU B 591 6.45 -18.08 37.70
C LEU B 591 6.92 -19.28 36.90
N GLU B 592 7.59 -19.02 35.77
CA GLU B 592 7.94 -20.08 34.84
C GLU B 592 8.98 -21.02 35.45
N ASN B 593 8.71 -22.32 35.38
CA ASN B 593 9.62 -23.34 35.88
C ASN B 593 10.04 -23.09 37.32
N GLY B 594 9.20 -22.37 38.07
CA GLY B 594 9.49 -22.06 39.46
C GLY B 594 10.45 -20.90 39.66
N GLY B 595 10.94 -20.29 38.59
CA GLY B 595 11.86 -19.17 38.74
C GLY B 595 13.11 -19.59 39.48
N ALA B 596 13.72 -18.61 40.17
CA ALA B 596 14.91 -18.85 40.97
C ALA B 596 14.86 -18.22 42.34
N GLY B 597 13.93 -17.30 42.61
CA GLY B 597 13.82 -16.67 43.90
C GLY B 597 12.91 -17.42 44.84
N PRO B 598 12.38 -16.74 45.85
CA PRO B 598 11.47 -17.41 46.80
C PRO B 598 10.14 -17.77 46.16
N ALA B 599 9.22 -18.32 46.97
CA ALA B 599 7.92 -18.70 46.46
C ALA B 599 7.17 -17.48 45.94
N VAL B 600 6.29 -17.71 44.97
CA VAL B 600 5.59 -16.62 44.30
C VAL B 600 4.76 -15.81 45.28
N GLY B 601 4.30 -16.43 46.36
CA GLY B 601 3.44 -15.73 47.31
C GLY B 601 4.11 -14.53 47.92
N THR B 602 5.35 -14.70 48.39
CA THR B 602 6.07 -13.57 48.97
C THR B 602 6.32 -12.49 47.92
N LEU B 603 6.65 -12.91 46.69
CA LEU B 603 6.84 -11.98 45.59
C LEU B 603 5.61 -11.11 45.40
N MET B 604 4.43 -11.72 45.31
CA MET B 604 3.23 -10.90 45.19
C MET B 604 2.99 -10.09 46.45
N ARG B 605 3.46 -10.57 47.60
CA ARG B 605 3.27 -9.80 48.83
C ARG B 605 3.95 -8.44 48.71
N GLN B 606 5.25 -8.42 48.35
CA GLN B 606 5.87 -7.09 48.32
C GLN B 606 5.44 -6.34 47.06
N ILE B 607 5.00 -7.05 46.02
CA ILE B 607 4.43 -6.36 44.87
C ILE B 607 3.21 -5.55 45.30
N LEU B 608 2.30 -6.18 46.04
CA LEU B 608 1.14 -5.47 46.57
C LEU B 608 1.57 -4.33 47.49
N ASP B 609 2.53 -4.62 48.36
CA ASP B 609 3.05 -3.62 49.31
C ASP B 609 3.49 -2.39 48.54
N HIS B 610 4.25 -2.55 47.45
CA HIS B 610 4.72 -1.43 46.65
C HIS B 610 3.59 -0.78 45.85
N ILE B 611 2.54 -1.53 45.55
CA ILE B 611 1.48 -1.00 44.68
C ILE B 611 0.81 0.20 45.34
N MET B 612 0.48 0.10 46.63
CA MET B 612 -0.13 1.21 47.36
C MET B 612 0.57 1.49 48.68
N LEU B 613 1.82 1.07 48.84
CA LEU B 613 2.57 1.32 50.06
C LEU B 613 1.81 0.82 51.29
#